data_7BZU
#
_entry.id   7BZU
#
_cell.length_a   1.00
_cell.length_b   1.00
_cell.length_c   1.00
_cell.angle_alpha   90.00
_cell.angle_beta   90.00
_cell.angle_gamma   90.00
#
_symmetry.space_group_name_H-M   'P 1'
#
loop_
_entity.id
_entity.type
_entity.pdbx_description
1 polymer 'Capsid protein VP1'
2 polymer 'Capsid protein VP2'
3 polymer 'Capsid protein VP3'
4 polymer 'Capsid protein VP4'
5 polymer KRM1
6 non-polymer 2-acetamido-2-deoxy-beta-D-glucopyranose
#
loop_
_entity_poly.entity_id
_entity_poly.type
_entity_poly.pdbx_seq_one_letter_code
_entity_poly.pdbx_strand_id
1 'polypeptide(L)'
;GDPVEDIIHDALGSTARRAISSVTNAESAANTTPSSHRLETGRVPALQAAETGATSNATDENMIETRCVVNRNGVLETTI
NHFFSRSGLVGVVNLTDGGTDTTGYATWDIDIMGFVQLRRKCEMFTYMRFNAEFTFVTTTKNGEARPYMLQYMYVPPGAP
KPTGRDAFQWQTATNPSVFVKLTDPPAQVSVPFMSPASAYQWFYDGYPTFGQHPETSNTTYGLCPNNMMGTFAVRVVSRE
ASQLKLQTRVYMKLKHVRAWVPRPIRSQPYLLKNFPNYDSSKITNSARDRSSIKQANM
;
A
2 'polypeptide(L)'
;SPSVEACGYSDRVAQLTVGNSSITTQEAANIVLAYGEWPEYCPDTDATAVDKPTRPDVSVNRFYTLDSKMWQENSTGWYW
KFPDVLNKTGVFGQNAQFHYLYRSGFCLHVQCNASKFHQGALLVAVIPEFVIAGRGSNTKPNEAPHPGFTTTFPGTTGAT
FHDPYVLDSGVPLSQALIYPHQWINLRTNNCATVIVPYINAVPFDSAINHSNFGLIVIPVSPLKYSSGATTAIPITITIA
PLNSEFGGLRQAVSQ
;
B
3 'polypeptide(L)'
;GIPAELRPGTNQFLTTDDDTAAPILPGFTPTPTIHIPGEVHSLLELCRVETILEVNNTTEATGLTRLLIPVSSQNKADEL
CAAFMVDPGRIGPWQSTLVGQICRYYTQWSGSLKVTFMFTGSFMATGKMLVAYSPPGSAQPANRETAMLGTHVIWDFGLQ
SSVSLVIPWISNTHFRTAKTGGNYDYYTAGVVTLWYQTNYVVPPETPGEAYIIAMGAAQDNFTLKICKDTDEVTQQAVLQ
;
C
4 'polypeptide(L)' MGAQVSTQKSGSHETGNVATGGSTINFTNINYYKDSYAASATRQDFTQDPKKFTQPVLDSIRELSAPLN D
5 'polypeptide(L)'
;APSPGLGPGPECFTANGADYRGTQNWTALQGGKPCLFWNETFQHPYNTLKYPNGEGGLGEHNYCRNPDGDVSPWCYVAEH
EDGVYWKYCEIPACQMPGNLGCYKDHGNPPPLTGTSKTSNKLTIQTCISFCRSQRFKFAGMESGYACFCGNNPDYWKYGE
AASTECNSVCFGDHTQPCGGDGRIILFDTLVGACGGNYSAMSSVVYSPDFPDTYATGRVCYWTIRVPGASHIHFSFPLFD
IRDSADMVELLDGYTHRVLARFHGRSRPPLSFNVSLDFVILYFFSDRINQAQGFAVLYQAVKEEGSENLYFQGGSLPQER
PAVNQTVAEVITEQANLSVSAARSSKVLYVITTSPSHPPQTVPGTHHHHHHHHHH
;
E
#
# COMPACT_ATOMS: atom_id res chain seq x y z
N ALA A 26 28.38 19.77 10.61
CA ALA A 26 27.50 20.28 11.65
C ALA A 26 27.42 19.30 12.82
N GLU A 27 28.34 19.43 13.77
CA GLU A 27 28.36 18.55 14.94
C GLU A 27 27.40 19.02 16.02
N SER A 28 26.97 20.28 15.97
CA SER A 28 25.99 20.81 16.92
C SER A 28 24.79 21.38 16.18
N ALA A 29 23.83 21.96 16.89
CA ALA A 29 22.56 22.32 16.27
C ALA A 29 22.62 23.65 15.52
N ALA A 30 22.82 24.75 16.25
CA ALA A 30 22.82 26.09 15.67
C ALA A 30 23.09 27.10 16.77
N ASN A 31 23.73 28.21 16.38
CA ASN A 31 24.05 29.29 17.30
C ASN A 31 23.19 30.52 16.98
N THR A 32 22.95 31.33 17.99
CA THR A 32 22.15 32.54 17.86
C THR A 32 23.03 33.77 18.04
N THR A 33 22.99 34.66 17.06
CA THR A 33 23.74 35.92 17.13
C THR A 33 22.91 36.99 17.82
N PRO A 34 23.53 37.91 18.54
CA PRO A 34 22.78 39.01 19.17
C PRO A 34 22.03 39.83 18.14
N SER A 35 20.77 40.12 18.42
CA SER A 35 19.92 40.92 17.56
C SER A 35 19.50 42.20 18.27
N SER A 36 18.90 43.11 17.50
CA SER A 36 18.41 44.38 18.02
C SER A 36 17.12 44.73 17.30
N HIS A 37 16.61 45.92 17.58
CA HIS A 37 15.36 46.36 16.98
C HIS A 37 15.62 47.17 15.72
N ARG A 38 14.64 47.14 14.82
CA ARG A 38 14.69 47.92 13.58
C ARG A 38 13.44 48.78 13.47
N LEU A 39 13.64 50.02 13.03
CA LEU A 39 12.53 50.95 12.76
C LEU A 39 12.81 51.59 11.40
N GLU A 40 12.32 50.94 10.34
CA GLU A 40 12.57 51.38 8.98
C GLU A 40 11.65 50.60 8.05
N THR A 41 11.49 51.12 6.84
CA THR A 41 10.58 50.57 5.85
C THR A 41 11.35 49.77 4.80
N GLY A 42 10.68 48.75 4.24
CA GLY A 42 11.16 48.00 3.10
C GLY A 42 11.57 46.58 3.41
N ARG A 43 12.00 46.31 4.64
CA ARG A 43 12.50 44.99 5.03
C ARG A 43 11.43 44.27 5.85
N VAL A 44 10.83 43.24 5.27
CA VAL A 44 9.79 42.46 5.91
C VAL A 44 10.20 40.99 5.88
N PRO A 45 10.77 40.47 6.97
CA PRO A 45 11.12 39.05 7.03
C PRO A 45 10.00 38.12 7.48
N ALA A 46 8.91 38.66 8.02
CA ALA A 46 7.82 37.86 8.54
C ALA A 46 6.64 37.73 7.59
N LEU A 47 6.85 38.02 6.30
CA LEU A 47 5.77 37.94 5.33
C LEU A 47 6.10 36.94 4.23
N GLN A 48 6.58 35.75 4.63
CA GLN A 48 6.98 34.69 3.67
C GLN A 48 5.72 34.09 3.07
N ALA A 49 5.54 34.24 1.76
CA ALA A 49 4.36 33.71 1.08
C ALA A 49 4.45 32.19 0.98
N ALA A 50 3.40 31.50 1.39
CA ALA A 50 3.35 30.04 1.34
C ALA A 50 2.79 29.49 0.05
N GLU A 51 2.36 30.36 -0.88
CA GLU A 51 1.88 29.88 -2.17
C GLU A 51 3.02 29.37 -3.05
N THR A 52 4.26 29.72 -2.71
CA THR A 52 5.42 29.35 -3.52
C THR A 52 5.87 27.91 -3.30
N GLY A 53 5.30 27.20 -2.33
CA GLY A 53 5.73 25.85 -2.02
C GLY A 53 7.01 25.77 -1.21
N ALA A 54 7.52 26.90 -0.73
CA ALA A 54 8.75 26.93 0.05
C ALA A 54 8.43 27.10 1.53
N THR A 55 9.41 26.76 2.36
CA THR A 55 9.28 26.89 3.80
C THR A 55 9.77 28.27 4.23
N SER A 56 9.04 28.87 5.18
CA SER A 56 9.39 30.19 5.69
C SER A 56 10.80 30.18 6.27
N ASN A 57 11.64 31.09 5.80
CA ASN A 57 13.02 31.22 6.25
C ASN A 57 13.21 32.33 7.27
N ALA A 58 12.21 32.57 8.12
CA ALA A 58 12.26 33.63 9.11
C ALA A 58 12.99 33.14 10.35
N THR A 59 14.16 33.71 10.63
CA THR A 59 14.99 33.34 11.76
C THR A 59 14.65 34.17 13.00
N ASP A 60 15.36 33.91 14.09
CA ASP A 60 15.15 34.66 15.32
C ASP A 60 15.79 36.05 15.26
N GLU A 61 16.91 36.19 14.57
CA GLU A 61 17.64 37.45 14.57
C GLU A 61 16.95 38.52 13.74
N ASN A 62 16.09 38.14 12.80
CA ASN A 62 15.27 39.07 12.05
C ASN A 62 13.91 39.27 12.71
N MET A 63 13.85 39.06 14.02
CA MET A 63 12.64 39.12 14.83
C MET A 63 13.03 39.58 16.23
N ILE A 64 12.23 39.22 17.24
CA ILE A 64 12.39 39.67 18.61
C ILE A 64 13.85 39.60 19.05
N GLU A 65 14.27 40.57 19.86
CA GLU A 65 15.68 40.75 20.20
C GLU A 65 16.19 39.56 20.99
N THR A 66 17.18 38.86 20.43
CA THR A 66 17.76 37.68 21.06
C THR A 66 19.12 38.03 21.67
N ARG A 67 19.75 37.03 22.28
CA ARG A 67 21.05 37.15 22.90
C ARG A 67 22.05 36.24 22.18
N CYS A 68 23.27 36.21 22.69
CA CYS A 68 24.34 35.38 22.14
C CYS A 68 24.42 34.10 22.96
N VAL A 69 24.00 32.99 22.37
CA VAL A 69 24.13 31.68 22.98
C VAL A 69 24.89 30.77 22.03
N VAL A 70 25.78 29.95 22.58
CA VAL A 70 26.49 28.94 21.82
C VAL A 70 25.90 27.59 22.21
N ASN A 71 25.38 26.86 21.23
CA ASN A 71 24.67 25.61 21.48
C ASN A 71 25.62 24.44 21.28
N ARG A 72 25.70 23.57 22.29
CA ARG A 72 26.52 22.37 22.23
C ARG A 72 25.68 21.11 22.20
N ASN A 73 24.38 21.24 21.92
CA ASN A 73 23.53 20.06 21.80
C ASN A 73 23.86 19.30 20.52
N GLY A 74 23.90 17.98 20.62
CA GLY A 74 24.33 17.15 19.51
C GLY A 74 23.18 16.74 18.60
N VAL A 75 23.53 16.49 17.34
CA VAL A 75 22.59 16.04 16.33
C VAL A 75 22.97 14.64 15.81
N LEU A 76 23.67 13.86 16.63
CA LEU A 76 24.18 12.58 16.18
C LEU A 76 23.12 11.48 16.24
N GLU A 77 22.23 11.54 17.24
CA GLU A 77 21.25 10.47 17.43
C GLU A 77 20.15 10.49 16.39
N THR A 78 19.87 11.64 15.77
CA THR A 78 18.74 11.77 14.87
C THR A 78 19.07 11.33 13.44
N THR A 79 20.25 10.78 13.20
CA THR A 79 20.60 10.34 11.85
C THR A 79 19.85 9.05 11.51
N ILE A 80 19.86 8.72 10.22
CA ILE A 80 19.14 7.52 9.71
C ILE A 80 19.85 6.27 10.21
N ASN A 81 21.18 6.28 10.25
CA ASN A 81 21.92 5.10 10.68
C ASN A 81 21.71 4.79 12.15
N HIS A 82 21.46 5.82 12.97
CA HIS A 82 21.13 5.60 14.37
C HIS A 82 19.63 5.44 14.59
N PHE A 83 18.82 5.71 13.58
CA PHE A 83 17.37 5.56 13.69
C PHE A 83 16.90 4.19 13.25
N PHE A 84 17.64 3.53 12.36
CA PHE A 84 17.27 2.21 11.86
C PHE A 84 18.11 1.08 12.44
N SER A 85 19.01 1.37 13.37
CA SER A 85 19.81 0.31 13.99
C SER A 85 19.14 -0.25 15.23
N ARG A 86 17.88 -0.64 15.08
CA ARG A 86 17.12 -1.33 16.11
C ARG A 86 16.63 -2.65 15.54
N SER A 87 16.55 -3.67 16.40
CA SER A 87 16.24 -5.01 15.90
C SER A 87 14.75 -5.18 15.62
N GLY A 88 13.93 -5.10 16.67
CA GLY A 88 12.50 -5.31 16.50
C GLY A 88 12.15 -6.71 16.03
N LEU A 89 10.88 -7.08 16.15
CA LEU A 89 10.43 -8.41 15.74
C LEU A 89 9.93 -8.36 14.30
N VAL A 90 10.20 -9.44 13.57
CA VAL A 90 9.91 -9.49 12.15
C VAL A 90 8.95 -10.64 11.83
N GLY A 91 9.24 -11.82 12.37
CA GLY A 91 8.45 -12.99 12.05
C GLY A 91 8.42 -13.97 13.20
N VAL A 92 7.33 -14.74 13.26
CA VAL A 92 7.17 -15.81 14.24
C VAL A 92 6.84 -17.08 13.47
N VAL A 93 7.63 -18.13 13.69
CA VAL A 93 7.51 -19.39 12.96
C VAL A 93 7.19 -20.49 13.96
N ASN A 94 6.13 -21.23 13.70
CA ASN A 94 5.72 -22.34 14.54
C ASN A 94 6.25 -23.65 13.99
N LEU A 95 6.41 -24.62 14.90
CA LEU A 95 6.92 -25.95 14.53
C LEU A 95 6.23 -26.96 15.44
N THR A 96 5.19 -27.61 14.93
CA THR A 96 4.38 -28.50 15.75
C THR A 96 5.06 -29.83 16.00
N ASP A 97 5.56 -30.47 14.94
CA ASP A 97 6.29 -31.74 15.01
C ASP A 97 5.48 -32.80 15.77
N GLY A 98 4.28 -33.07 15.27
CA GLY A 98 3.38 -34.02 15.88
C GLY A 98 3.79 -35.46 15.63
N GLY A 99 2.82 -36.35 15.78
CA GLY A 99 3.10 -37.77 15.62
C GLY A 99 2.39 -38.44 14.45
N THR A 100 1.18 -37.97 14.12
CA THR A 100 0.40 -38.56 13.04
C THR A 100 -0.01 -37.57 11.96
N ASP A 101 -0.13 -36.28 12.29
CA ASP A 101 -0.46 -35.24 11.33
C ASP A 101 0.65 -34.19 11.33
N THR A 102 1.89 -34.64 11.50
CA THR A 102 3.03 -33.76 11.65
C THR A 102 3.47 -33.22 10.29
N THR A 103 4.31 -32.20 10.33
CA THR A 103 4.91 -31.61 9.14
C THR A 103 6.43 -31.70 9.16
N GLY A 104 7.05 -31.47 10.33
CA GLY A 104 8.49 -31.58 10.45
C GLY A 104 9.22 -30.28 10.20
N TYR A 105 9.07 -29.73 9.01
CA TYR A 105 9.72 -28.48 8.64
C TYR A 105 8.80 -27.29 8.94
N ALA A 106 9.35 -26.09 8.81
CA ALA A 106 8.58 -24.87 8.94
C ALA A 106 9.15 -23.75 8.08
N THR A 107 8.58 -23.56 6.89
CA THR A 107 9.03 -22.48 6.02
C THR A 107 8.38 -21.16 6.42
N TRP A 108 9.09 -20.06 6.15
CA TRP A 108 8.56 -18.73 6.40
C TRP A 108 9.16 -17.77 5.38
N ASP A 109 8.34 -17.27 4.47
CA ASP A 109 8.80 -16.30 3.50
C ASP A 109 9.28 -15.03 4.20
N ILE A 110 10.44 -14.53 3.79
CA ILE A 110 11.07 -13.40 4.45
C ILE A 110 10.43 -12.11 3.96
N ASP A 111 9.63 -11.48 4.81
CA ASP A 111 9.08 -10.17 4.56
C ASP A 111 8.88 -9.46 5.89
N ILE A 112 9.03 -8.13 5.87
CA ILE A 112 8.98 -7.33 7.09
C ILE A 112 7.66 -6.62 7.27
N MET A 113 6.72 -6.80 6.35
CA MET A 113 5.40 -6.17 6.46
C MET A 113 4.41 -7.08 7.17
N GLY A 114 4.78 -7.55 8.36
CA GLY A 114 3.90 -8.42 9.13
C GLY A 114 3.60 -7.87 10.51
N PHE A 115 4.51 -7.04 11.03
CA PHE A 115 4.42 -6.41 12.38
C PHE A 115 4.47 -4.90 12.15
N VAL A 116 3.46 -4.17 12.61
CA VAL A 116 3.27 -2.78 12.18
C VAL A 116 4.27 -1.81 12.77
N GLN A 117 5.11 -2.25 13.71
CA GLN A 117 6.05 -1.32 14.32
C GLN A 117 7.23 -1.03 13.40
N LEU A 118 7.96 -2.07 12.99
CA LEU A 118 9.06 -1.87 12.05
C LEU A 118 8.55 -1.47 10.68
N ARG A 119 7.33 -1.89 10.33
CA ARG A 119 6.75 -1.48 9.05
C ARG A 119 6.40 0.00 9.07
N ARG A 120 5.81 0.50 10.15
CA ARG A 120 5.50 1.91 10.26
C ARG A 120 6.77 2.75 10.30
N LYS A 121 7.82 2.23 10.95
CA LYS A 121 9.08 2.96 10.97
C LYS A 121 9.76 2.94 9.60
N CYS A 122 9.57 1.87 8.83
CA CYS A 122 10.25 1.71 7.55
C CYS A 122 9.49 2.32 6.38
N GLU A 123 8.18 2.50 6.49
CA GLU A 123 7.36 2.98 5.37
C GLU A 123 7.22 4.50 5.34
N MET A 124 8.11 5.23 5.99
CA MET A 124 8.17 6.68 5.86
C MET A 124 9.17 7.11 4.79
N PHE A 125 9.67 6.16 3.99
CA PHE A 125 10.53 6.45 2.85
C PHE A 125 10.08 5.60 1.68
N THR A 126 10.48 6.00 0.49
CA THR A 126 10.08 5.30 -0.73
C THR A 126 11.11 4.26 -1.17
N TYR A 127 12.38 4.65 -1.24
CA TYR A 127 13.45 3.75 -1.67
C TYR A 127 14.49 3.64 -0.57
N MET A 128 14.82 2.42 -0.17
CA MET A 128 15.81 2.16 0.85
C MET A 128 16.80 1.11 0.39
N ARG A 129 17.95 1.07 1.03
CA ARG A 129 19.01 0.12 0.72
C ARG A 129 19.87 -0.06 1.96
N PHE A 130 20.03 -1.31 2.40
CA PHE A 130 20.66 -1.58 3.69
C PHE A 130 21.16 -3.02 3.72
N ASN A 131 21.75 -3.38 4.86
CA ASN A 131 22.15 -4.74 5.16
C ASN A 131 21.45 -5.20 6.43
N ALA A 132 21.35 -6.52 6.62
CA ALA A 132 20.57 -7.08 7.70
C ALA A 132 21.44 -7.91 8.63
N GLU A 133 20.95 -8.07 9.87
CA GLU A 133 21.67 -8.79 10.92
C GLU A 133 20.70 -9.73 11.65
N PHE A 134 19.95 -10.54 10.88
CA PHE A 134 18.94 -11.43 11.44
C PHE A 134 19.45 -12.21 12.64
N THR A 135 18.62 -12.27 13.69
CA THR A 135 18.90 -13.02 14.90
C THR A 135 17.70 -13.93 15.18
N PHE A 136 17.97 -15.19 15.49
CA PHE A 136 16.92 -16.20 15.67
C PHE A 136 16.88 -16.63 17.13
N VAL A 137 15.72 -16.42 17.76
CA VAL A 137 15.49 -16.80 19.16
C VAL A 137 14.39 -17.85 19.18
N THR A 138 14.74 -19.07 19.61
CA THR A 138 13.82 -20.20 19.64
C THR A 138 13.58 -20.65 21.07
N THR A 139 12.31 -20.82 21.43
CA THR A 139 11.91 -21.29 22.76
C THR A 139 10.92 -22.44 22.60
N THR A 140 10.51 -23.00 23.74
CA THR A 140 9.51 -24.06 23.76
C THR A 140 8.14 -23.49 24.11
N LYS A 141 7.12 -24.35 24.02
CA LYS A 141 5.74 -23.89 24.22
C LYS A 141 5.52 -23.32 25.62
N ASN A 142 5.63 -24.17 26.63
CA ASN A 142 5.45 -23.71 28.01
C ASN A 142 6.64 -22.96 28.54
N GLY A 143 7.78 -23.02 27.86
CA GLY A 143 8.98 -22.32 28.30
C GLY A 143 10.00 -23.25 28.94
N GLU A 144 11.01 -23.64 28.16
CA GLU A 144 12.06 -24.55 28.60
C GLU A 144 13.12 -24.63 27.51
N ALA A 145 14.37 -24.86 27.88
CA ALA A 145 15.48 -24.94 26.93
C ALA A 145 16.15 -26.30 27.08
N ARG A 146 15.67 -27.29 26.32
CA ARG A 146 16.34 -28.59 26.30
C ARG A 146 17.35 -28.64 25.16
N PRO A 147 18.46 -29.36 25.34
CA PRO A 147 19.54 -29.33 24.33
C PRO A 147 19.20 -30.12 23.06
N TYR A 148 18.22 -29.64 22.33
CA TYR A 148 17.90 -30.17 21.01
C TYR A 148 18.57 -29.32 19.94
N MET A 149 19.20 -29.98 18.97
CA MET A 149 19.90 -29.29 17.90
C MET A 149 18.93 -28.96 16.77
N LEU A 150 18.95 -27.71 16.33
CA LEU A 150 18.12 -27.24 15.24
C LEU A 150 18.97 -27.01 13.99
N GLN A 151 18.28 -26.72 12.88
CA GLN A 151 18.93 -26.44 11.62
C GLN A 151 18.15 -25.35 10.90
N TYR A 152 18.74 -24.18 10.77
CA TYR A 152 18.13 -23.05 10.08
C TYR A 152 18.67 -23.00 8.66
N MET A 153 17.77 -22.98 7.68
CA MET A 153 18.13 -23.02 6.28
C MET A 153 17.57 -21.81 5.56
N TYR A 154 18.39 -21.21 4.70
CA TYR A 154 17.98 -20.08 3.86
C TYR A 154 17.86 -20.55 2.43
N VAL A 155 16.62 -20.65 1.94
CA VAL A 155 16.33 -21.12 0.59
C VAL A 155 16.13 -19.89 -0.29
N PRO A 156 17.04 -19.60 -1.23
CA PRO A 156 16.86 -18.46 -2.13
C PRO A 156 15.73 -18.73 -3.12
N PRO A 157 15.20 -17.70 -3.77
CA PRO A 157 14.14 -17.92 -4.75
C PRO A 157 14.64 -18.68 -5.96
N GLY A 158 13.96 -19.78 -6.28
CA GLY A 158 14.37 -20.68 -7.34
C GLY A 158 14.87 -22.01 -6.86
N ALA A 159 15.35 -22.09 -5.62
CA ALA A 159 15.75 -23.35 -5.05
C ALA A 159 14.51 -24.10 -4.53
N PRO A 160 14.52 -25.43 -4.58
CA PRO A 160 13.34 -26.18 -4.15
C PRO A 160 13.16 -26.15 -2.64
N LYS A 161 11.90 -26.07 -2.22
CA LYS A 161 11.59 -26.05 -0.79
C LYS A 161 11.57 -27.46 -0.24
N PRO A 162 12.13 -27.68 0.96
CA PRO A 162 12.15 -29.03 1.53
C PRO A 162 10.76 -29.44 2.00
N THR A 163 10.37 -30.66 1.64
CA THR A 163 9.07 -31.23 2.02
C THR A 163 9.35 -32.46 2.88
N GLY A 164 9.25 -32.28 4.20
CA GLY A 164 9.53 -33.35 5.13
C GLY A 164 10.71 -33.05 6.02
N ARG A 165 10.76 -33.67 7.21
CA ARG A 165 11.87 -33.45 8.13
C ARG A 165 13.12 -34.23 7.74
N ASP A 166 13.01 -35.18 6.80
CA ASP A 166 14.14 -35.95 6.32
C ASP A 166 14.27 -35.87 4.80
N ALA A 167 13.99 -34.69 4.25
CA ALA A 167 13.92 -34.52 2.80
C ALA A 167 15.32 -34.49 2.18
N PHE A 168 15.35 -34.44 0.86
CA PHE A 168 16.67 -34.42 0.16
C PHE A 168 17.28 -33.02 0.24
N GLN A 169 16.50 -31.96 0.39
CA GLN A 169 17.04 -30.61 0.33
C GLN A 169 17.87 -30.24 1.56
N TRP A 170 17.77 -31.00 2.65
CA TRP A 170 18.48 -30.66 3.87
C TRP A 170 19.96 -31.01 3.83
N GLN A 171 20.49 -31.41 2.68
CA GLN A 171 21.92 -31.68 2.56
C GLN A 171 22.74 -30.40 2.56
N THR A 172 22.12 -29.26 2.23
CA THR A 172 22.74 -27.94 2.32
C THR A 172 24.00 -27.83 1.47
N ALA A 173 24.05 -28.55 0.34
CA ALA A 173 25.13 -28.37 -0.62
C ALA A 173 24.81 -27.19 -1.51
N THR A 174 25.75 -26.24 -1.59
CA THR A 174 25.54 -24.97 -2.29
C THR A 174 24.31 -24.27 -1.73
N ASN A 175 24.22 -24.22 -0.40
CA ASN A 175 23.11 -23.61 0.31
C ASN A 175 23.54 -23.28 1.74
N PRO A 176 23.38 -22.04 2.18
CA PRO A 176 23.84 -21.67 3.52
C PRO A 176 22.86 -22.13 4.60
N SER A 177 23.42 -22.69 5.67
CA SER A 177 22.62 -23.16 6.80
C SER A 177 23.40 -22.96 8.09
N VAL A 178 22.68 -22.95 9.20
CA VAL A 178 23.25 -22.75 10.53
C VAL A 178 22.75 -23.86 11.44
N PHE A 179 23.69 -24.53 12.12
CA PHE A 179 23.39 -25.56 13.08
C PHE A 179 23.64 -25.01 14.48
N VAL A 180 22.59 -24.96 15.29
CA VAL A 180 22.69 -24.44 16.66
C VAL A 180 21.68 -25.19 17.53
N LYS A 181 21.98 -25.24 18.83
CA LYS A 181 21.11 -25.90 19.79
C LYS A 181 20.18 -24.89 20.44
N LEU A 182 19.32 -25.37 21.33
CA LEU A 182 18.41 -24.49 22.07
C LEU A 182 19.09 -23.87 23.28
N THR A 183 20.00 -24.60 23.92
CA THR A 183 20.73 -24.07 25.07
C THR A 183 21.81 -23.07 24.67
N ASP A 184 22.22 -23.05 23.40
CA ASP A 184 23.23 -22.12 22.94
C ASP A 184 22.65 -20.70 22.88
N PRO A 185 23.50 -19.69 22.85
CA PRO A 185 23.03 -18.32 22.59
C PRO A 185 22.37 -18.24 21.23
N PRO A 186 21.52 -17.24 21.01
CA PRO A 186 20.81 -17.14 19.72
C PRO A 186 21.77 -16.87 18.58
N ALA A 187 21.50 -17.52 17.45
CA ALA A 187 22.33 -17.34 16.28
C ALA A 187 22.14 -15.95 15.67
N GLN A 188 23.14 -15.50 14.91
CA GLN A 188 23.11 -14.16 14.35
C GLN A 188 23.97 -14.17 13.09
N VAL A 189 23.33 -13.96 11.94
CA VAL A 189 24.01 -13.97 10.65
C VAL A 189 23.79 -12.63 9.97
N SER A 190 24.74 -12.25 9.11
CA SER A 190 24.70 -10.99 8.40
C SER A 190 24.24 -11.25 6.96
N VAL A 191 23.20 -10.53 6.54
CA VAL A 191 22.62 -10.69 5.21
C VAL A 191 22.93 -9.43 4.40
N PRO A 192 23.49 -9.56 3.19
CA PRO A 192 23.81 -8.37 2.40
C PRO A 192 22.61 -7.81 1.67
N PHE A 193 22.84 -6.79 0.85
CA PHE A 193 21.82 -6.24 -0.04
C PHE A 193 21.72 -7.12 -1.28
N MET A 194 20.57 -7.78 -1.46
CA MET A 194 20.44 -8.80 -2.50
C MET A 194 19.26 -8.53 -3.42
N SER A 195 18.88 -7.27 -3.60
CA SER A 195 17.79 -7.02 -4.53
C SER A 195 18.33 -6.89 -5.95
N PRO A 196 17.60 -7.39 -6.95
CA PRO A 196 18.08 -7.25 -8.34
C PRO A 196 18.11 -5.81 -8.84
N ALA A 197 17.37 -4.91 -8.20
CA ALA A 197 17.38 -3.50 -8.58
C ALA A 197 18.42 -2.76 -7.75
N SER A 198 18.44 -1.44 -7.85
CA SER A 198 19.42 -0.63 -7.13
C SER A 198 19.03 -0.36 -5.69
N ALA A 199 17.75 -0.48 -5.34
CA ALA A 199 17.30 -0.23 -3.98
C ALA A 199 15.96 -0.93 -3.77
N TYR A 200 15.56 -1.02 -2.51
CA TYR A 200 14.27 -1.58 -2.15
C TYR A 200 13.17 -0.54 -2.33
N GLN A 201 11.93 -1.00 -2.36
CA GLN A 201 10.78 -0.11 -2.43
C GLN A 201 9.55 -0.83 -1.93
N TRP A 202 8.83 -0.20 -1.00
CA TRP A 202 7.60 -0.74 -0.45
C TRP A 202 6.35 -0.22 -1.15
N PHE A 203 6.52 0.59 -2.19
CA PHE A 203 5.40 1.18 -2.93
C PHE A 203 5.71 1.05 -4.41
N TYR A 204 5.02 0.13 -5.08
CA TYR A 204 5.18 -0.09 -6.52
C TYR A 204 3.83 0.18 -7.18
N ASP A 205 3.66 1.40 -7.68
CA ASP A 205 2.45 1.78 -8.39
C ASP A 205 2.54 1.24 -9.81
N GLY A 206 2.13 0.00 -9.98
CA GLY A 206 2.22 -0.62 -11.28
C GLY A 206 1.71 -2.04 -11.28
N TYR A 207 2.12 -2.80 -12.29
CA TYR A 207 1.66 -4.15 -12.53
C TYR A 207 2.85 -5.03 -12.89
N PRO A 208 2.91 -6.26 -12.36
CA PRO A 208 4.07 -7.11 -12.65
C PRO A 208 4.04 -7.75 -14.03
N THR A 209 2.88 -7.99 -14.59
CA THR A 209 2.72 -8.65 -15.88
C THR A 209 2.15 -7.69 -16.91
N PHE A 210 1.83 -8.22 -18.09
CA PHE A 210 1.26 -7.46 -19.20
C PHE A 210 -0.15 -7.98 -19.45
N GLY A 211 -0.78 -7.44 -20.50
CA GLY A 211 -2.09 -7.89 -20.91
C GLY A 211 -3.22 -7.07 -20.30
N GLN A 212 -4.39 -7.68 -20.27
CA GLN A 212 -5.60 -7.02 -19.78
C GLN A 212 -5.74 -7.24 -18.28
N HIS A 213 -6.11 -6.20 -17.57
CA HIS A 213 -6.29 -6.27 -16.13
C HIS A 213 -7.75 -6.11 -15.76
N PRO A 214 -8.26 -6.92 -14.82
CA PRO A 214 -9.69 -6.87 -14.49
C PRO A 214 -10.03 -5.58 -13.74
N GLU A 215 -11.34 -5.40 -13.54
CA GLU A 215 -11.85 -4.24 -12.81
C GLU A 215 -12.50 -4.62 -11.48
N THR A 216 -12.85 -5.88 -11.28
CA THR A 216 -13.53 -6.28 -10.05
C THR A 216 -12.53 -6.51 -8.91
N SER A 217 -11.57 -7.40 -9.11
CA SER A 217 -10.60 -7.77 -8.07
C SER A 217 -9.20 -7.75 -8.69
N ASN A 218 -8.46 -6.69 -8.41
CA ASN A 218 -7.06 -6.58 -8.83
C ASN A 218 -6.19 -7.11 -7.70
N THR A 219 -5.99 -8.43 -7.67
CA THR A 219 -5.09 -9.03 -6.69
C THR A 219 -3.63 -8.91 -7.09
N THR A 220 -3.33 -8.34 -8.26
CA THR A 220 -1.97 -8.19 -8.74
C THR A 220 -1.47 -6.75 -8.69
N TYR A 221 -2.30 -5.80 -8.26
CA TYR A 221 -1.89 -4.40 -8.21
C TYR A 221 -1.05 -4.14 -6.97
N GLY A 222 0.05 -3.43 -7.16
CA GLY A 222 0.95 -3.09 -6.06
C GLY A 222 1.87 -4.19 -5.61
N LEU A 223 1.86 -5.34 -6.30
CA LEU A 223 2.74 -6.45 -5.94
C LEU A 223 4.19 -6.08 -6.21
N CYS A 224 4.96 -5.85 -5.16
CA CYS A 224 6.37 -5.47 -5.28
C CYS A 224 7.17 -6.61 -5.93
N PRO A 225 7.63 -6.44 -7.16
CA PRO A 225 8.36 -7.53 -7.83
C PRO A 225 9.77 -7.72 -7.29
N ASN A 226 10.49 -6.63 -7.06
CA ASN A 226 11.89 -6.70 -6.63
C ASN A 226 12.01 -6.65 -5.11
N ASN A 227 11.27 -7.53 -4.42
CA ASN A 227 11.33 -7.61 -2.98
C ASN A 227 11.36 -9.02 -2.42
N MET A 228 10.92 -10.03 -3.18
CA MET A 228 10.96 -11.40 -2.71
C MET A 228 12.40 -11.83 -2.46
N MET A 229 12.62 -12.45 -1.29
CA MET A 229 13.98 -12.81 -0.88
C MET A 229 14.05 -14.28 -0.43
N GLY A 230 13.27 -15.15 -1.05
CA GLY A 230 13.32 -16.55 -0.71
C GLY A 230 12.46 -16.90 0.50
N THR A 231 12.72 -18.09 1.03
CA THR A 231 11.98 -18.62 2.16
C THR A 231 12.93 -19.17 3.20
N PHE A 232 12.69 -18.83 4.46
CA PHE A 232 13.48 -19.34 5.58
C PHE A 232 12.87 -20.63 6.08
N ALA A 233 13.72 -21.61 6.39
CA ALA A 233 13.26 -22.94 6.79
C ALA A 233 14.00 -23.39 8.04
N VAL A 234 13.35 -24.29 8.79
CA VAL A 234 13.91 -24.81 10.04
C VAL A 234 13.28 -26.17 10.32
N ARG A 235 14.11 -27.10 10.80
CA ARG A 235 13.66 -28.41 11.26
C ARG A 235 14.49 -28.81 12.47
N VAL A 236 14.23 -30.02 12.98
CA VAL A 236 14.97 -30.59 14.09
C VAL A 236 15.78 -31.77 13.58
N VAL A 237 17.07 -31.76 13.86
CA VAL A 237 17.96 -32.83 13.41
C VAL A 237 17.80 -34.02 14.35
N SER A 238 17.13 -35.07 13.89
CA SER A 238 16.92 -36.28 14.66
C SER A 238 16.62 -37.42 13.69
N ARG A 239 16.17 -38.55 14.21
CA ARG A 239 15.80 -39.68 13.39
C ARG A 239 14.31 -39.95 13.37
N GLU A 240 13.69 -40.13 14.55
CA GLU A 240 12.29 -40.55 14.58
C GLU A 240 11.34 -39.36 14.69
N ALA A 241 11.44 -38.61 15.78
CA ALA A 241 10.55 -37.49 16.06
C ALA A 241 10.99 -36.84 17.36
N SER A 242 10.28 -35.79 17.74
CA SER A 242 10.50 -35.13 19.02
C SER A 242 9.18 -34.49 19.47
N GLN A 243 8.61 -34.99 20.55
CA GLN A 243 7.33 -34.48 21.05
C GLN A 243 7.60 -33.14 21.71
N LEU A 244 7.67 -32.09 20.88
CA LEU A 244 7.89 -30.74 21.37
C LEU A 244 7.34 -29.76 20.33
N LYS A 245 6.91 -28.61 20.81
CA LYS A 245 6.32 -27.57 19.98
C LYS A 245 7.16 -26.31 20.15
N LEU A 246 8.07 -26.07 19.21
CA LEU A 246 8.95 -24.91 19.28
C LEU A 246 8.30 -23.70 18.61
N GLN A 247 8.86 -22.53 18.88
CA GLN A 247 8.32 -21.28 18.34
C GLN A 247 9.48 -20.29 18.28
N THR A 248 10.00 -20.07 17.08
CA THR A 248 11.17 -19.21 16.87
C THR A 248 10.74 -17.83 16.41
N ARG A 249 11.51 -16.82 16.84
CA ARG A 249 11.24 -15.43 16.53
C ARG A 249 12.44 -14.84 15.78
N VAL A 250 12.15 -13.96 14.82
CA VAL A 250 13.17 -13.38 13.95
C VAL A 250 13.29 -11.90 14.29
N TYR A 251 14.53 -11.45 14.49
CA TYR A 251 14.83 -10.05 14.79
C TYR A 251 15.83 -9.55 13.76
N MET A 252 15.42 -8.59 12.94
CA MET A 252 16.24 -8.07 11.85
C MET A 252 16.70 -6.67 12.17
N LYS A 253 18.02 -6.48 12.24
CA LYS A 253 18.62 -5.17 12.47
C LYS A 253 19.12 -4.60 11.16
N LEU A 254 18.82 -3.33 10.92
CA LEU A 254 19.27 -2.65 9.71
C LEU A 254 20.61 -1.95 9.96
N LYS A 255 21.45 -1.95 8.93
CA LYS A 255 22.72 -1.25 8.99
C LYS A 255 23.14 -0.86 7.58
N HIS A 256 24.00 0.15 7.50
CA HIS A 256 24.48 0.69 6.22
C HIS A 256 23.31 1.13 5.35
N VAL A 257 22.35 1.83 5.96
CA VAL A 257 21.07 2.13 5.35
C VAL A 257 21.09 3.50 4.68
N ARG A 258 20.47 3.59 3.51
CA ARG A 258 20.32 4.83 2.77
C ARG A 258 18.86 4.96 2.35
N ALA A 259 18.26 6.12 2.58
CA ALA A 259 16.85 6.34 2.30
C ALA A 259 16.67 7.47 1.29
N TRP A 260 15.61 7.34 0.48
CA TRP A 260 15.28 8.33 -0.54
C TRP A 260 13.79 8.64 -0.49
N VAL A 261 13.45 9.83 -0.96
CA VAL A 261 12.06 10.25 -1.20
C VAL A 261 11.19 10.03 0.04
N PRO A 262 11.33 10.84 1.08
CA PRO A 262 10.56 10.61 2.30
C PRO A 262 9.06 10.78 2.06
N ARG A 263 8.29 9.84 2.64
CA ARG A 263 6.84 9.79 2.54
C ARG A 263 6.20 10.09 3.89
N PRO A 264 4.98 10.63 3.90
CA PRO A 264 4.30 10.89 5.18
C PRO A 264 3.99 9.60 5.92
N ILE A 265 3.95 9.69 7.24
CA ILE A 265 3.74 8.54 8.11
C ILE A 265 2.27 8.18 8.11
N ARG A 266 1.99 6.87 8.04
CA ARG A 266 0.61 6.40 7.98
C ARG A 266 -0.13 6.71 9.26
N SER A 267 -1.37 7.18 9.13
CA SER A 267 -2.21 7.52 10.27
C SER A 267 -3.41 6.58 10.41
N GLN A 268 -3.48 5.53 9.61
CA GLN A 268 -4.58 4.58 9.67
C GLN A 268 -4.09 3.22 10.13
N PRO A 269 -4.92 2.46 10.84
CA PRO A 269 -4.50 1.12 11.26
C PRO A 269 -4.34 0.18 10.07
N TYR A 270 -3.28 -0.62 10.11
CA TYR A 270 -3.04 -1.58 9.04
C TYR A 270 -4.08 -2.69 9.09
N LEU A 271 -4.47 -3.18 7.91
CA LEU A 271 -5.50 -4.20 7.80
C LEU A 271 -5.07 -5.46 7.07
N LEU A 272 -4.14 -5.38 6.13
CA LEU A 272 -3.72 -6.53 5.36
C LEU A 272 -2.20 -6.67 5.38
N LYS A 273 -1.74 -7.82 4.91
CA LYS A 273 -0.32 -8.16 4.98
C LYS A 273 0.47 -7.41 3.92
N ASN A 274 0.10 -7.56 2.65
CA ASN A 274 0.87 -7.02 1.53
C ASN A 274 0.04 -6.03 0.70
N PHE A 275 -0.94 -5.40 1.32
CA PHE A 275 -1.74 -4.39 0.63
C PHE A 275 -2.08 -3.26 1.58
N PRO A 276 -1.74 -2.01 1.26
CA PRO A 276 -2.16 -0.90 2.11
C PRO A 276 -3.64 -0.62 1.96
N ASN A 277 -4.43 -0.94 2.99
CA ASN A 277 -5.85 -0.70 2.99
C ASN A 277 -6.26 -0.02 4.29
N TYR A 278 -7.49 0.51 4.29
CA TYR A 278 -8.05 1.14 5.47
C TYR A 278 -9.57 1.04 5.38
N ASP A 279 -10.22 1.24 6.52
CA ASP A 279 -11.67 1.14 6.58
C ASP A 279 -12.30 2.43 6.08
N SER A 280 -13.15 2.32 5.05
CA SER A 280 -13.79 3.50 4.48
C SER A 280 -14.68 4.19 5.52
N SER A 281 -15.61 3.44 6.10
CA SER A 281 -16.27 3.91 7.31
C SER A 281 -15.34 3.74 8.49
N LYS A 282 -15.71 4.35 9.62
CA LYS A 282 -14.95 4.25 10.87
C LYS A 282 -13.52 4.76 10.68
N ILE A 283 -13.42 5.99 10.20
CA ILE A 283 -12.12 6.60 9.92
C ILE A 283 -11.57 7.20 11.22
N THR A 284 -10.26 7.05 11.40
CA THR A 284 -9.57 7.60 12.57
C THR A 284 -9.01 8.97 12.22
N ASN A 285 -9.31 9.97 13.06
CA ASN A 285 -8.75 11.29 12.86
C ASN A 285 -7.29 11.31 13.28
N SER A 286 -6.53 12.25 12.69
CA SER A 286 -5.11 12.38 13.01
C SER A 286 -4.87 12.96 14.39
N ALA A 287 -5.84 13.69 14.94
CA ALA A 287 -5.73 14.27 16.26
C ALA A 287 -6.98 13.93 17.07
N ARG A 288 -6.87 14.07 18.39
CA ARG A 288 -8.01 13.86 19.26
C ARG A 288 -8.91 15.09 19.25
N ASP A 289 -10.02 14.99 19.96
CA ASP A 289 -11.04 16.02 19.96
C ASP A 289 -10.86 16.97 21.15
N ARG A 290 -11.31 18.20 20.95
CA ARG A 290 -11.34 19.22 21.99
C ARG A 290 -12.78 19.64 22.26
N SER A 291 -12.96 20.37 23.36
CA SER A 291 -14.29 20.88 23.69
C SER A 291 -14.68 22.01 22.74
N SER A 292 -13.80 23.00 22.59
CA SER A 292 -14.03 24.13 21.69
C SER A 292 -12.73 24.49 21.01
N ILE A 293 -12.84 25.24 19.92
CA ILE A 293 -11.65 25.67 19.20
C ILE A 293 -10.95 26.82 19.94
N LYS A 294 -11.71 27.62 20.68
CA LYS A 294 -11.16 28.76 21.44
C LYS A 294 -10.80 28.35 22.86
N GLN A 295 -10.00 27.29 23.00
CA GLN A 295 -9.60 26.79 24.32
C GLN A 295 -8.43 25.85 24.13
N ALA A 296 -7.32 26.14 24.81
CA ALA A 296 -6.10 25.36 24.60
C ALA A 296 -6.10 24.04 25.36
N ASN A 297 -6.79 23.98 26.50
CA ASN A 297 -6.81 22.77 27.31
C ASN A 297 -7.61 21.67 26.63
N SER B 10 8.36 41.37 -12.37
CA SER B 10 9.53 40.72 -12.94
C SER B 10 9.57 39.26 -12.56
N ASP B 11 8.67 38.85 -11.67
CA ASP B 11 8.59 37.46 -11.22
C ASP B 11 7.20 36.86 -11.33
N ARG B 12 6.14 37.67 -11.28
CA ARG B 12 4.78 37.17 -11.42
C ARG B 12 4.38 36.91 -12.86
N VAL B 13 5.28 37.17 -13.81
CA VAL B 13 5.05 36.88 -15.22
C VAL B 13 6.04 35.81 -15.66
N ALA B 14 5.64 34.98 -16.61
CA ALA B 14 6.49 33.91 -17.09
C ALA B 14 5.96 33.40 -18.42
N GLN B 15 6.87 32.94 -19.27
CA GLN B 15 6.54 32.31 -20.54
C GLN B 15 7.37 31.04 -20.67
N LEU B 16 6.73 29.90 -20.49
CA LEU B 16 7.39 28.60 -20.62
C LEU B 16 7.21 28.10 -22.05
N THR B 17 8.31 27.95 -22.77
CA THR B 17 8.29 27.49 -24.15
C THR B 17 9.06 26.19 -24.25
N VAL B 18 8.38 25.13 -24.69
CA VAL B 18 9.00 23.82 -24.88
C VAL B 18 8.52 23.29 -26.23
N GLY B 19 9.44 23.15 -27.18
CA GLY B 19 9.10 22.66 -28.50
C GLY B 19 8.34 23.67 -29.33
N ASN B 20 7.10 23.36 -29.66
CA ASN B 20 6.24 24.27 -30.41
C ASN B 20 5.10 24.81 -29.57
N SER B 21 5.21 24.74 -28.25
CA SER B 21 4.18 25.21 -27.33
C SER B 21 4.73 26.31 -26.44
N SER B 22 3.83 27.13 -25.92
CA SER B 22 4.19 28.23 -25.03
C SER B 22 3.04 28.47 -24.06
N ILE B 23 3.40 28.75 -22.81
CA ILE B 23 2.42 29.01 -21.76
C ILE B 23 2.72 30.38 -21.16
N THR B 24 1.80 31.33 -21.36
CA THR B 24 1.92 32.67 -20.82
C THR B 24 1.03 32.79 -19.58
N THR B 25 1.48 33.60 -18.62
CA THR B 25 0.72 33.80 -17.40
C THR B 25 0.93 35.23 -16.91
N GLN B 26 0.02 35.68 -16.06
CA GLN B 26 0.06 37.01 -15.48
C GLN B 26 0.17 37.02 -13.96
N GLU B 27 -0.33 35.99 -13.28
CA GLU B 27 -0.30 35.89 -11.83
C GLU B 27 0.31 34.55 -11.47
N ALA B 28 1.60 34.54 -11.14
CA ALA B 28 2.31 33.30 -10.90
C ALA B 28 3.31 33.47 -9.77
N ALA B 29 3.53 32.39 -9.04
CA ALA B 29 4.62 32.31 -8.08
C ALA B 29 5.85 31.76 -8.80
N ASN B 30 6.95 31.58 -8.07
CA ASN B 30 8.14 31.02 -8.68
C ASN B 30 7.95 29.53 -8.94
N ILE B 31 8.67 29.03 -9.94
CA ILE B 31 8.56 27.63 -10.32
C ILE B 31 9.19 26.76 -9.23
N VAL B 32 8.63 25.58 -9.03
CA VAL B 32 9.11 24.64 -8.02
C VAL B 32 9.91 23.55 -8.71
N LEU B 33 11.15 23.38 -8.28
CA LEU B 33 12.05 22.39 -8.85
C LEU B 33 12.15 21.25 -7.84
N ALA B 34 11.75 20.06 -8.26
CA ALA B 34 11.55 18.95 -7.32
C ALA B 34 12.89 18.40 -6.87
N TYR B 35 13.13 18.44 -5.56
CA TYR B 35 14.33 17.88 -4.92
C TYR B 35 15.62 18.51 -5.43
N GLY B 36 15.55 19.68 -6.05
CA GLY B 36 16.74 20.36 -6.50
C GLY B 36 17.46 19.71 -7.65
N GLU B 37 16.82 18.78 -8.36
CA GLU B 37 17.44 18.06 -9.46
C GLU B 37 16.69 18.34 -10.75
N TRP B 38 17.42 18.75 -11.78
CA TRP B 38 16.86 18.94 -13.10
C TRP B 38 16.76 17.61 -13.83
N PRO B 39 15.81 17.46 -14.74
CA PRO B 39 15.74 16.24 -15.56
C PRO B 39 16.91 16.20 -16.54
N GLU B 40 17.69 15.13 -16.47
CA GLU B 40 18.85 14.96 -17.32
C GLU B 40 18.83 13.58 -17.96
N TYR B 41 19.62 13.41 -19.02
CA TYR B 41 19.70 12.14 -19.71
C TYR B 41 20.46 11.12 -18.88
N CYS B 42 20.14 9.85 -19.10
CA CYS B 42 20.76 8.76 -18.33
C CYS B 42 22.25 8.70 -18.60
N PRO B 43 23.10 8.82 -17.58
CA PRO B 43 24.54 8.70 -17.80
C PRO B 43 24.94 7.26 -18.08
N ASP B 44 26.07 7.11 -18.77
CA ASP B 44 26.54 5.79 -19.17
C ASP B 44 26.94 4.93 -17.99
N THR B 45 27.26 5.54 -16.84
CA THR B 45 27.65 4.75 -15.67
C THR B 45 26.43 4.07 -15.06
N ASP B 46 25.30 4.77 -15.00
CA ASP B 46 24.10 4.21 -14.39
C ASP B 46 23.28 3.34 -15.34
N ALA B 47 23.62 3.31 -16.63
CA ALA B 47 22.83 2.57 -17.60
C ALA B 47 23.14 1.08 -17.52
N THR B 48 22.19 0.27 -18.00
CA THR B 48 22.35 -1.18 -18.00
C THR B 48 21.95 -1.84 -19.31
N ALA B 49 21.27 -1.15 -20.21
CA ALA B 49 20.93 -1.71 -21.51
C ALA B 49 22.08 -1.50 -22.48
N VAL B 50 22.03 -2.22 -23.60
CA VAL B 50 23.07 -2.17 -24.61
C VAL B 50 22.60 -1.48 -25.88
N ASP B 51 21.32 -1.64 -26.24
CA ASP B 51 20.81 -1.03 -27.45
C ASP B 51 20.75 0.48 -27.31
N LYS B 52 20.98 1.18 -28.42
CA LYS B 52 21.04 2.64 -28.38
C LYS B 52 19.64 3.22 -28.21
N PRO B 53 19.43 4.10 -27.25
CA PRO B 53 18.11 4.71 -27.08
C PRO B 53 17.86 5.82 -28.08
N THR B 54 16.58 6.04 -28.36
CA THR B 54 16.15 7.09 -29.27
C THR B 54 15.75 8.35 -28.49
N ARG B 55 15.93 9.50 -29.14
CA ARG B 55 15.69 10.80 -28.51
C ARG B 55 15.04 11.72 -29.53
N PRO B 56 13.71 11.81 -29.55
CA PRO B 56 13.05 12.65 -30.57
C PRO B 56 13.28 14.13 -30.37
N ASP B 57 13.23 14.60 -29.12
CA ASP B 57 13.69 15.93 -28.71
C ASP B 57 12.77 17.06 -29.18
N VAL B 58 11.79 16.77 -30.02
CA VAL B 58 10.81 17.78 -30.41
C VAL B 58 9.39 17.25 -30.30
N SER B 59 9.12 16.13 -30.98
CA SER B 59 7.75 15.64 -31.12
C SER B 59 7.21 15.05 -29.82
N VAL B 60 8.09 14.65 -28.90
CA VAL B 60 7.67 14.12 -27.61
C VAL B 60 7.99 15.07 -26.48
N ASN B 61 8.54 16.24 -26.76
CA ASN B 61 8.91 17.23 -25.75
C ASN B 61 8.10 18.50 -26.03
N ARG B 62 6.89 18.56 -25.49
CA ARG B 62 6.01 19.70 -25.69
C ARG B 62 4.88 19.62 -24.67
N PHE B 63 4.11 20.70 -24.58
CA PHE B 63 3.03 20.81 -23.59
C PHE B 63 1.76 20.18 -24.15
N TYR B 64 1.40 19.01 -23.62
CA TYR B 64 0.13 18.38 -23.95
C TYR B 64 -0.93 18.81 -22.93
N THR B 65 -2.03 19.34 -23.43
CA THR B 65 -3.11 19.84 -22.59
C THR B 65 -4.20 18.78 -22.47
N LEU B 66 -4.55 18.44 -21.23
CA LEU B 66 -5.61 17.48 -20.96
C LEU B 66 -6.95 18.20 -20.97
N ASP B 67 -8.00 17.51 -20.54
CA ASP B 67 -9.33 18.11 -20.45
C ASP B 67 -9.43 18.97 -19.19
N SER B 68 -10.53 19.72 -19.11
CA SER B 68 -10.82 20.56 -17.97
C SER B 68 -11.91 19.93 -17.12
N LYS B 69 -11.86 20.18 -15.82
CA LYS B 69 -12.82 19.62 -14.87
C LYS B 69 -13.43 20.74 -14.05
N MET B 70 -14.76 20.79 -14.00
CA MET B 70 -15.45 21.84 -13.28
C MET B 70 -15.32 21.62 -11.77
N TRP B 71 -14.90 22.66 -11.06
CA TRP B 71 -14.68 22.60 -9.62
C TRP B 71 -15.91 23.17 -8.93
N GLN B 72 -16.76 22.28 -8.43
CA GLN B 72 -18.01 22.68 -7.79
C GLN B 72 -17.74 22.98 -6.31
N GLU B 73 -18.80 23.16 -5.53
CA GLU B 73 -18.66 23.43 -4.10
C GLU B 73 -18.40 22.14 -3.32
N ASN B 74 -19.04 21.04 -3.72
CA ASN B 74 -18.90 19.76 -3.05
C ASN B 74 -17.83 18.89 -3.69
N SER B 75 -16.80 19.50 -4.27
CA SER B 75 -15.73 18.75 -4.88
C SER B 75 -14.78 18.20 -3.82
N THR B 76 -14.21 17.04 -4.11
CA THR B 76 -13.24 16.39 -3.23
C THR B 76 -11.82 16.44 -3.76
N GLY B 77 -11.64 16.30 -5.08
CA GLY B 77 -10.31 16.35 -5.66
C GLY B 77 -10.12 15.38 -6.80
N TRP B 78 -8.97 15.45 -7.46
CA TRP B 78 -8.67 14.59 -8.60
C TRP B 78 -7.21 14.17 -8.56
N TYR B 79 -6.89 13.10 -9.27
CA TYR B 79 -5.52 12.65 -9.39
C TYR B 79 -5.33 11.96 -10.74
N TRP B 80 -4.08 11.94 -11.19
CA TRP B 80 -3.69 11.37 -12.47
C TRP B 80 -2.44 10.51 -12.28
N LYS B 81 -2.06 9.81 -13.35
CA LYS B 81 -0.82 9.04 -13.38
C LYS B 81 -0.09 9.42 -14.66
N PHE B 82 1.06 10.08 -14.50
CA PHE B 82 1.63 10.85 -15.60
C PHE B 82 2.24 10.04 -16.75
N PRO B 83 2.88 8.89 -16.51
CA PRO B 83 3.29 8.08 -17.65
C PRO B 83 2.15 7.22 -18.18
N ASP B 84 0.94 7.55 -17.75
CA ASP B 84 -0.27 6.90 -18.23
C ASP B 84 -1.28 7.86 -18.86
N VAL B 85 -1.24 9.15 -18.50
CA VAL B 85 -2.24 10.08 -19.03
C VAL B 85 -1.99 10.34 -20.53
N LEU B 86 -0.80 10.79 -20.88
CA LEU B 86 -0.43 11.01 -22.27
C LEU B 86 0.26 9.78 -22.85
N ASN B 87 -0.35 8.62 -22.62
CA ASN B 87 0.16 7.35 -23.10
C ASN B 87 -0.51 6.89 -24.39
N LYS B 88 -1.62 7.53 -24.78
CA LYS B 88 -2.34 7.20 -25.99
C LYS B 88 -2.51 8.39 -26.92
N THR B 89 -1.95 9.55 -26.59
CA THR B 89 -2.19 10.80 -27.32
C THR B 89 -0.88 11.32 -27.88
N GLY B 90 -0.68 11.14 -29.19
CA GLY B 90 0.37 11.82 -29.90
C GLY B 90 1.60 10.97 -30.13
N VAL B 91 2.69 11.66 -30.46
CA VAL B 91 3.95 10.99 -30.76
C VAL B 91 4.58 10.40 -29.50
N PHE B 92 4.39 11.04 -28.34
CA PHE B 92 4.88 10.45 -27.10
C PHE B 92 4.22 9.11 -26.83
N GLY B 93 2.90 9.04 -26.96
CA GLY B 93 2.21 7.78 -26.74
C GLY B 93 2.55 6.73 -27.78
N GLN B 94 2.63 7.15 -29.05
CA GLN B 94 2.98 6.20 -30.11
C GLN B 94 4.39 5.65 -29.91
N ASN B 95 5.34 6.49 -29.48
CA ASN B 95 6.74 6.09 -29.22
C ASN B 95 6.81 5.23 -27.96
N ALA B 96 5.89 5.43 -27.01
CA ALA B 96 5.89 4.65 -25.78
C ALA B 96 5.18 3.31 -25.92
N GLN B 97 4.34 3.14 -26.93
CA GLN B 97 3.71 1.85 -27.16
C GLN B 97 4.60 0.88 -27.92
N PHE B 98 5.52 1.38 -28.74
CA PHE B 98 6.41 0.49 -29.49
C PHE B 98 7.61 0.04 -28.68
N HIS B 99 8.06 0.85 -27.73
CA HIS B 99 9.28 0.58 -26.98
C HIS B 99 8.95 -0.11 -25.66
N TYR B 100 9.98 -0.69 -25.05
CA TYR B 100 9.88 -1.39 -23.78
C TYR B 100 10.46 -0.61 -22.61
N LEU B 101 11.53 0.14 -22.84
CA LEU B 101 12.15 0.97 -21.81
C LEU B 101 11.73 2.42 -22.01
N TYR B 102 11.77 3.18 -20.91
CA TYR B 102 11.33 4.57 -20.95
C TYR B 102 11.96 5.33 -19.79
N ARG B 103 12.30 6.60 -20.03
CA ARG B 103 12.87 7.46 -18.99
C ARG B 103 12.67 8.91 -19.41
N SER B 104 12.03 9.70 -18.57
CA SER B 104 11.82 11.11 -18.87
C SER B 104 11.46 11.87 -17.61
N GLY B 105 11.66 13.19 -17.65
CA GLY B 105 11.14 14.09 -16.66
C GLY B 105 9.87 14.78 -17.15
N PHE B 106 9.30 15.59 -16.26
CA PHE B 106 8.03 16.24 -16.58
C PHE B 106 8.03 17.68 -16.08
N CYS B 107 7.39 18.56 -16.83
CA CYS B 107 7.09 19.92 -16.41
C CYS B 107 5.59 20.05 -16.26
N LEU B 108 5.15 20.60 -15.13
CA LEU B 108 3.74 20.64 -14.78
C LEU B 108 3.22 22.07 -14.80
N HIS B 109 1.93 22.21 -15.04
CA HIS B 109 1.30 23.53 -15.02
C HIS B 109 -0.20 23.34 -14.86
N VAL B 110 -0.77 23.90 -13.79
CA VAL B 110 -2.18 23.74 -13.47
C VAL B 110 -2.81 25.14 -13.45
N GLN B 111 -3.78 25.35 -14.34
CA GLN B 111 -4.45 26.63 -14.45
C GLN B 111 -5.76 26.62 -13.67
N CYS B 112 -6.00 27.68 -12.90
CA CYS B 112 -7.28 27.87 -12.23
C CYS B 112 -7.43 29.36 -11.93
N ASN B 113 -8.18 30.07 -12.77
CA ASN B 113 -8.41 31.49 -12.60
C ASN B 113 -9.83 31.75 -12.14
N ALA B 114 -10.01 32.88 -11.45
CA ALA B 114 -11.32 33.34 -11.01
C ALA B 114 -11.26 34.84 -10.85
N SER B 115 -12.38 35.42 -10.41
CA SER B 115 -12.43 36.85 -10.17
C SER B 115 -11.77 37.19 -8.84
N LYS B 116 -11.76 38.47 -8.50
CA LYS B 116 -11.25 38.92 -7.21
C LYS B 116 -12.30 38.86 -6.11
N PHE B 117 -13.45 38.22 -6.39
CA PHE B 117 -14.50 38.05 -5.40
C PHE B 117 -14.69 36.60 -4.97
N HIS B 118 -14.12 35.64 -5.70
CA HIS B 118 -14.12 34.25 -5.30
C HIS B 118 -13.04 33.99 -4.26
N GLN B 119 -13.26 32.96 -3.45
CA GLN B 119 -12.27 32.53 -2.47
C GLN B 119 -12.15 31.02 -2.49
N GLY B 120 -10.99 30.54 -2.07
CA GLY B 120 -10.68 29.12 -2.08
C GLY B 120 -9.21 28.91 -2.37
N ALA B 121 -8.74 27.70 -2.05
CA ALA B 121 -7.33 27.37 -2.26
C ALA B 121 -7.22 25.90 -2.63
N LEU B 122 -6.30 25.60 -3.53
CA LEU B 122 -6.06 24.24 -3.99
C LEU B 122 -4.64 23.83 -3.64
N LEU B 123 -4.42 22.51 -3.61
CA LEU B 123 -3.11 21.94 -3.31
C LEU B 123 -2.74 20.98 -4.43
N VAL B 124 -1.77 21.37 -5.27
CA VAL B 124 -1.26 20.53 -6.34
C VAL B 124 0.13 20.05 -5.95
N ALA B 125 0.33 18.74 -5.99
CA ALA B 125 1.59 18.14 -5.60
C ALA B 125 1.76 16.81 -6.31
N VAL B 126 3.01 16.35 -6.37
CA VAL B 126 3.34 15.06 -6.95
C VAL B 126 3.63 14.09 -5.82
N ILE B 127 3.25 12.83 -6.02
CA ILE B 127 3.51 11.79 -5.02
C ILE B 127 4.20 10.62 -5.72
N PRO B 128 5.50 10.42 -5.49
CA PRO B 128 6.18 9.28 -6.11
C PRO B 128 5.63 7.96 -5.59
N GLU B 129 5.35 7.03 -6.52
CA GLU B 129 4.81 5.72 -6.19
C GLU B 129 3.48 5.85 -5.44
N PHE B 130 2.55 6.58 -6.05
CA PHE B 130 1.26 6.88 -5.42
C PHE B 130 0.33 5.68 -5.62
N VAL B 131 0.42 4.73 -4.70
CA VAL B 131 -0.38 3.51 -4.76
C VAL B 131 -1.75 3.76 -4.15
N ILE B 132 -2.80 3.39 -4.86
CA ILE B 132 -4.17 3.60 -4.40
C ILE B 132 -4.55 2.48 -3.43
N ALA B 133 -5.19 2.86 -2.33
CA ALA B 133 -5.62 1.92 -1.31
C ALA B 133 -7.06 1.49 -1.52
N GLY B 134 -7.35 0.22 -1.27
CA GLY B 134 -8.72 -0.24 -1.27
C GLY B 134 -9.46 0.15 -0.01
N ARG B 135 -10.75 0.37 -0.14
CA ARG B 135 -11.59 0.86 0.94
C ARG B 135 -12.53 -0.25 1.39
N GLY B 136 -12.35 -0.71 2.63
CA GLY B 136 -13.19 -1.75 3.17
C GLY B 136 -12.65 -2.24 4.50
N SER B 137 -13.48 -3.06 5.16
CA SER B 137 -13.11 -3.62 6.45
C SER B 137 -13.13 -5.15 6.40
N ASN B 138 -12.64 -5.71 5.30
CA ASN B 138 -12.60 -7.16 5.13
C ASN B 138 -11.14 -7.60 5.07
N THR B 139 -10.79 -8.58 5.88
CA THR B 139 -9.44 -9.11 5.93
C THR B 139 -9.31 -10.46 5.23
N LYS B 140 -10.41 -11.05 4.80
CA LYS B 140 -10.34 -12.30 4.04
C LYS B 140 -9.78 -12.03 2.65
N PRO B 141 -8.88 -12.88 2.15
CA PRO B 141 -8.30 -12.63 0.82
C PRO B 141 -9.32 -12.67 -0.30
N ASN B 142 -10.44 -13.37 -0.12
CA ASN B 142 -11.43 -13.52 -1.18
C ASN B 142 -12.36 -12.32 -1.31
N GLU B 143 -12.53 -11.53 -0.25
CA GLU B 143 -13.45 -10.37 -0.29
C GLU B 143 -12.72 -9.06 0.03
N ALA B 144 -11.40 -9.05 0.13
CA ALA B 144 -10.69 -7.81 0.38
C ALA B 144 -10.81 -6.90 -0.83
N PRO B 145 -11.32 -5.68 -0.67
CA PRO B 145 -11.55 -4.82 -1.84
C PRO B 145 -10.26 -4.26 -2.41
N HIS B 146 -10.14 -4.32 -3.73
CA HIS B 146 -9.02 -3.79 -4.46
C HIS B 146 -9.52 -2.84 -5.55
N PRO B 147 -8.75 -1.80 -5.87
CA PRO B 147 -9.20 -0.85 -6.89
C PRO B 147 -9.10 -1.44 -8.29
N GLY B 148 -9.98 -0.94 -9.17
CA GLY B 148 -10.00 -1.37 -10.55
C GLY B 148 -8.90 -0.72 -11.37
N PHE B 149 -8.86 -1.10 -12.65
CA PHE B 149 -7.81 -0.59 -13.53
C PHE B 149 -8.01 0.90 -13.83
N THR B 150 -9.25 1.34 -14.00
CA THR B 150 -9.51 2.76 -14.20
C THR B 150 -9.37 3.57 -12.91
N THR B 151 -9.31 2.91 -11.76
CA THR B 151 -9.01 3.60 -10.50
C THR B 151 -7.50 3.71 -10.27
N THR B 152 -6.76 2.65 -10.58
CA THR B 152 -5.31 2.70 -10.46
C THR B 152 -4.71 3.54 -11.59
N PHE B 153 -5.09 3.25 -12.83
CA PHE B 153 -4.63 3.98 -14.01
C PHE B 153 -5.84 4.68 -14.61
N PRO B 154 -6.09 5.94 -14.24
CA PRO B 154 -7.31 6.62 -14.72
C PRO B 154 -7.27 6.97 -16.20
N GLY B 155 -6.09 7.14 -16.79
CA GLY B 155 -6.00 7.52 -18.17
C GLY B 155 -5.93 9.02 -18.35
N THR B 156 -6.28 9.47 -19.56
CA THR B 156 -6.27 10.90 -19.87
C THR B 156 -7.43 11.65 -19.24
N THR B 157 -8.43 10.95 -18.71
CA THR B 157 -9.57 11.61 -18.08
C THR B 157 -9.24 12.01 -16.64
N GLY B 158 -8.95 11.03 -15.80
CA GLY B 158 -8.68 11.26 -14.40
C GLY B 158 -9.68 10.54 -13.51
N ALA B 159 -9.36 10.53 -12.21
CA ALA B 159 -10.20 9.89 -11.22
C ALA B 159 -10.42 10.84 -10.05
N THR B 160 -11.53 10.65 -9.35
CA THR B 160 -11.90 11.46 -8.21
C THR B 160 -11.53 10.76 -6.91
N PHE B 161 -11.52 11.55 -5.83
CA PHE B 161 -11.24 11.02 -4.51
C PHE B 161 -12.54 10.66 -3.81
N HIS B 162 -12.46 9.65 -2.93
CA HIS B 162 -13.56 9.29 -2.05
C HIS B 162 -13.35 9.81 -0.63
N ASP B 163 -12.13 9.63 -0.11
CA ASP B 163 -11.74 10.16 1.21
C ASP B 163 -10.46 10.94 1.01
N PRO B 164 -10.54 12.18 0.50
CA PRO B 164 -9.31 12.97 0.27
C PRO B 164 -8.63 13.40 1.55
N TYR B 165 -9.24 13.20 2.72
CA TYR B 165 -8.58 13.53 3.96
C TYR B 165 -7.43 12.56 4.25
N VAL B 166 -7.58 11.30 3.84
CA VAL B 166 -6.52 10.31 3.97
C VAL B 166 -5.86 10.01 2.63
N LEU B 167 -6.00 10.92 1.66
CA LEU B 167 -5.38 10.80 0.33
C LEU B 167 -5.79 9.53 -0.40
N ASP B 168 -6.88 8.89 0.02
CA ASP B 168 -7.32 7.61 -0.52
C ASP B 168 -6.21 6.56 -0.45
N SER B 169 -5.29 6.72 0.51
CA SER B 169 -4.17 5.80 0.66
C SER B 169 -3.85 5.46 2.11
N GLY B 170 -4.63 5.93 3.08
CA GLY B 170 -4.30 5.74 4.47
C GLY B 170 -3.29 6.71 5.03
N VAL B 171 -2.77 7.60 4.20
CA VAL B 171 -1.76 8.59 4.61
C VAL B 171 -2.44 9.94 4.73
N PRO B 172 -2.24 10.67 5.83
CA PRO B 172 -2.97 11.92 6.02
C PRO B 172 -2.54 13.01 5.04
N LEU B 173 -3.52 13.83 4.64
CA LEU B 173 -3.24 14.93 3.72
C LEU B 173 -2.40 16.02 4.39
N SER B 174 -2.50 16.15 5.72
CA SER B 174 -1.78 17.22 6.41
C SER B 174 -0.27 17.06 6.28
N GLN B 175 0.22 15.83 6.27
CA GLN B 175 1.65 15.56 6.15
C GLN B 175 2.12 15.51 4.70
N ALA B 176 1.22 15.69 3.73
CA ALA B 176 1.57 15.60 2.32
C ALA B 176 2.30 16.84 1.81
N LEU B 177 2.73 17.72 2.70
CA LEU B 177 3.53 18.88 2.32
C LEU B 177 5.01 18.56 2.24
N ILE B 178 5.41 17.33 2.58
CA ILE B 178 6.79 16.92 2.40
C ILE B 178 7.09 16.63 0.93
N TYR B 179 6.07 16.33 0.12
CA TYR B 179 6.26 16.15 -1.30
C TYR B 179 6.51 17.50 -1.97
N PRO B 180 7.03 17.50 -3.20
CA PRO B 180 7.08 18.75 -3.97
C PRO B 180 5.67 19.25 -4.25
N HIS B 181 5.29 20.37 -3.64
CA HIS B 181 3.92 20.85 -3.70
C HIS B 181 3.90 22.32 -4.13
N GLN B 182 2.69 22.82 -4.32
CA GLN B 182 2.45 24.23 -4.57
C GLN B 182 0.97 24.51 -4.34
N TRP B 183 0.68 25.71 -3.85
CA TRP B 183 -0.67 26.13 -3.58
C TRP B 183 -1.21 27.00 -4.70
N ILE B 184 -2.51 26.92 -4.94
CA ILE B 184 -3.21 27.83 -5.82
C ILE B 184 -4.21 28.59 -4.95
N ASN B 185 -3.81 29.77 -4.48
CA ASN B 185 -4.67 30.62 -3.69
C ASN B 185 -5.27 31.68 -4.61
N LEU B 186 -6.61 31.71 -4.67
CA LEU B 186 -7.29 32.53 -5.67
C LEU B 186 -7.16 34.03 -5.42
N ARG B 187 -6.61 34.44 -4.27
CA ARG B 187 -6.31 35.83 -4.03
C ARG B 187 -4.87 36.20 -4.36
N THR B 188 -4.01 35.22 -4.62
CA THR B 188 -2.59 35.45 -4.88
C THR B 188 -2.20 35.14 -6.31
N ASN B 189 -2.49 33.92 -6.78
CA ASN B 189 -2.11 33.49 -8.12
C ASN B 189 -3.24 32.68 -8.72
N ASN B 190 -3.05 32.28 -9.98
CA ASN B 190 -4.02 31.44 -10.67
C ASN B 190 -3.37 30.27 -11.40
N CYS B 191 -2.08 30.01 -11.16
CA CYS B 191 -1.39 28.89 -11.79
C CYS B 191 -0.29 28.40 -10.86
N ALA B 192 0.11 27.14 -11.05
CA ALA B 192 1.15 26.52 -10.26
C ALA B 192 2.01 25.64 -11.16
N THR B 193 3.32 25.70 -10.96
CA THR B 193 4.28 25.05 -11.85
C THR B 193 5.28 24.24 -11.04
N VAL B 194 5.37 22.95 -11.35
CA VAL B 194 6.30 22.05 -10.69
C VAL B 194 7.07 21.29 -11.77
N ILE B 195 8.40 21.37 -11.71
CA ILE B 195 9.27 20.60 -12.60
C ILE B 195 9.81 19.42 -11.81
N VAL B 196 9.66 18.22 -12.37
CA VAL B 196 10.04 17.00 -11.65
C VAL B 196 10.98 16.15 -12.49
N PRO B 197 12.09 15.68 -11.93
CA PRO B 197 12.98 14.78 -12.67
C PRO B 197 12.51 13.34 -12.64
N TYR B 198 13.32 12.44 -13.20
CA TYR B 198 12.98 11.02 -13.23
C TYR B 198 13.36 10.38 -11.90
N ILE B 199 12.36 9.88 -11.18
CA ILE B 199 12.55 9.32 -9.85
C ILE B 199 12.19 7.84 -9.94
N ASN B 200 13.20 6.97 -9.90
CA ASN B 200 12.97 5.54 -9.90
C ASN B 200 14.21 4.83 -9.38
N ALA B 201 14.03 3.60 -8.91
CA ALA B 201 15.12 2.79 -8.43
C ALA B 201 15.76 1.95 -9.54
N VAL B 202 15.30 2.10 -10.77
CA VAL B 202 15.89 1.44 -11.93
C VAL B 202 16.14 2.50 -13.00
N PRO B 203 17.16 2.33 -13.85
CA PRO B 203 17.46 3.37 -14.85
C PRO B 203 16.32 3.56 -15.85
N PHE B 204 15.88 2.47 -16.47
CA PHE B 204 14.78 2.49 -17.41
C PHE B 204 13.66 1.60 -16.91
N ASP B 205 12.44 1.88 -17.37
CA ASP B 205 11.28 1.15 -16.90
C ASP B 205 10.16 1.29 -17.92
N SER B 206 9.26 0.31 -17.90
CA SER B 206 8.12 0.31 -18.83
C SER B 206 7.14 1.41 -18.44
N ALA B 207 6.70 2.19 -19.45
CA ALA B 207 5.77 3.29 -19.24
C ALA B 207 4.32 2.85 -19.31
N ILE B 208 4.04 1.55 -19.27
CA ILE B 208 2.69 1.02 -19.38
C ILE B 208 2.29 0.23 -18.14
N ASN B 209 3.20 -0.55 -17.57
CA ASN B 209 2.91 -1.38 -16.42
C ASN B 209 3.40 -0.76 -15.11
N HIS B 210 3.78 0.52 -15.13
CA HIS B 210 4.33 1.15 -13.93
C HIS B 210 4.25 2.67 -14.09
N SER B 211 3.44 3.31 -13.28
CA SER B 211 3.42 4.76 -13.20
C SER B 211 4.40 5.22 -12.12
N ASN B 212 5.28 6.15 -12.48
CA ASN B 212 6.32 6.59 -11.55
C ASN B 212 5.72 7.40 -10.41
N PHE B 213 4.93 8.42 -10.73
CA PHE B 213 4.32 9.26 -9.70
C PHE B 213 2.96 9.72 -10.21
N GLY B 214 2.28 10.51 -9.38
CA GLY B 214 0.98 11.01 -9.74
C GLY B 214 0.70 12.41 -9.24
N LEU B 215 0.08 13.23 -10.09
CA LEU B 215 -0.36 14.55 -9.68
C LEU B 215 -1.68 14.46 -8.92
N ILE B 216 -1.86 15.36 -7.96
CA ILE B 216 -3.09 15.41 -7.15
C ILE B 216 -3.50 16.86 -6.96
N VAL B 217 -4.77 17.15 -7.23
CA VAL B 217 -5.35 18.46 -6.96
C VAL B 217 -6.49 18.27 -5.97
N ILE B 218 -6.36 18.88 -4.79
CA ILE B 218 -7.33 18.75 -3.72
C ILE B 218 -7.71 20.13 -3.22
N PRO B 219 -8.97 20.55 -3.31
CA PRO B 219 -9.36 21.83 -2.70
C PRO B 219 -9.56 21.71 -1.20
N VAL B 220 -8.62 22.25 -0.42
CA VAL B 220 -8.76 22.22 1.03
C VAL B 220 -9.66 23.35 1.50
N SER B 221 -9.49 24.55 0.95
CA SER B 221 -10.40 25.65 1.21
C SER B 221 -11.52 25.63 0.18
N PRO B 222 -12.78 25.56 0.60
CA PRO B 222 -13.88 25.42 -0.36
C PRO B 222 -14.05 26.66 -1.22
N LEU B 223 -14.63 26.44 -2.39
CA LEU B 223 -14.94 27.54 -3.31
C LEU B 223 -16.21 28.23 -2.85
N LYS B 224 -16.12 29.54 -2.65
CA LYS B 224 -17.26 30.32 -2.18
C LYS B 224 -17.36 31.62 -2.96
N TYR B 225 -18.59 32.01 -3.27
CA TYR B 225 -18.85 33.23 -4.01
C TYR B 225 -20.29 33.66 -3.75
N SER B 226 -20.54 34.95 -3.99
CA SER B 226 -21.88 35.50 -3.80
C SER B 226 -22.75 35.22 -5.02
N SER B 227 -24.06 35.32 -4.81
CA SER B 227 -25.02 35.06 -5.89
C SER B 227 -24.95 36.17 -6.92
N GLY B 228 -24.60 35.82 -8.15
CA GLY B 228 -24.52 36.79 -9.23
C GLY B 228 -23.25 36.68 -10.04
N ALA B 229 -22.22 36.05 -9.45
CA ALA B 229 -20.95 35.90 -10.12
C ALA B 229 -20.97 34.68 -11.04
N THR B 230 -19.83 34.40 -11.66
CA THR B 230 -19.71 33.23 -12.53
C THR B 230 -19.69 31.96 -11.69
N THR B 231 -20.16 30.86 -12.29
CA THR B 231 -20.33 29.61 -11.57
C THR B 231 -19.57 28.44 -12.19
N ALA B 232 -18.89 28.63 -13.32
CA ALA B 232 -18.11 27.58 -13.96
C ALA B 232 -16.63 27.85 -13.72
N ILE B 233 -16.03 27.07 -12.83
CA ILE B 233 -14.62 27.20 -12.48
C ILE B 233 -13.91 25.91 -12.84
N PRO B 234 -13.24 25.84 -14.00
CA PRO B 234 -12.55 24.62 -14.40
C PRO B 234 -11.11 24.56 -13.93
N ILE B 235 -10.56 23.34 -13.98
CA ILE B 235 -9.16 23.08 -13.65
C ILE B 235 -8.50 22.49 -14.89
N THR B 236 -7.55 23.22 -15.47
CA THR B 236 -6.85 22.79 -16.66
C THR B 236 -5.40 22.46 -16.32
N ILE B 237 -4.89 21.37 -16.91
CA ILE B 237 -3.56 20.87 -16.62
C ILE B 237 -2.83 20.58 -17.93
N THR B 238 -1.56 20.98 -18.00
CA THR B 238 -0.70 20.69 -19.15
C THR B 238 0.56 19.99 -18.67
N ILE B 239 1.12 19.14 -19.52
CA ILE B 239 2.25 18.28 -19.16
C ILE B 239 3.28 18.33 -20.27
N ALA B 240 4.55 18.52 -19.90
CA ALA B 240 5.66 18.53 -20.84
C ALA B 240 6.66 17.42 -20.51
N PRO B 241 6.79 16.39 -21.36
CA PRO B 241 7.75 15.32 -21.08
C PRO B 241 9.19 15.70 -21.38
N LEU B 242 9.87 16.33 -20.43
CA LEU B 242 11.25 16.78 -20.64
C LEU B 242 12.21 15.60 -20.65
N ASN B 243 13.15 15.62 -21.60
CA ASN B 243 14.25 14.66 -21.70
C ASN B 243 13.73 13.22 -21.78
N SER B 244 13.01 12.93 -22.86
CA SER B 244 12.46 11.61 -23.07
C SER B 244 13.48 10.69 -23.73
N GLU B 245 13.52 9.45 -23.28
CA GLU B 245 14.34 8.40 -23.87
C GLU B 245 13.53 7.12 -23.96
N PHE B 246 13.80 6.33 -25.00
CA PHE B 246 13.07 5.10 -25.24
C PHE B 246 14.04 4.04 -25.74
N GLY B 247 13.76 2.79 -25.39
CA GLY B 247 14.61 1.68 -25.80
C GLY B 247 13.83 0.39 -25.83
N GLY B 248 14.44 -0.62 -26.44
CA GLY B 248 13.78 -1.90 -26.59
C GLY B 248 12.65 -1.86 -27.60
N LEU B 249 12.97 -1.61 -28.85
CA LEU B 249 11.96 -1.44 -29.88
C LEU B 249 11.37 -2.79 -30.29
N ARG B 250 10.05 -2.88 -30.29
CA ARG B 250 9.34 -4.09 -30.68
C ARG B 250 7.97 -3.67 -31.21
N GLN B 251 7.07 -4.64 -31.35
CA GLN B 251 5.72 -4.36 -31.82
C GLN B 251 4.99 -3.46 -30.82
N ALA B 252 4.00 -2.73 -31.34
CA ALA B 252 3.20 -1.83 -30.51
C ALA B 252 2.20 -2.62 -29.68
N VAL B 253 2.18 -2.37 -28.38
CA VAL B 253 1.20 -2.96 -27.48
C VAL B 253 0.21 -1.89 -27.06
N SER B 254 -0.99 -2.34 -26.69
CA SER B 254 -2.04 -1.42 -26.24
C SER B 254 -1.94 -1.17 -24.73
N GLN B 255 -2.00 -2.23 -23.94
CA GLN B 255 -1.88 -2.11 -22.49
C GLN B 255 -1.45 -3.45 -21.88
N GLY C 1 46.24 -22.00 24.63
CA GLY C 1 45.44 -20.83 24.27
C GLY C 1 45.70 -19.64 25.17
N ILE C 2 45.09 -18.51 24.83
CA ILE C 2 45.26 -17.30 25.64
C ILE C 2 44.44 -17.43 26.92
N PRO C 3 45.03 -17.21 28.09
CA PRO C 3 44.28 -17.38 29.34
C PRO C 3 43.25 -16.27 29.55
N ALA C 4 42.11 -16.38 28.88
CA ALA C 4 41.03 -15.43 29.03
C ALA C 4 40.05 -15.89 30.10
N GLU C 5 39.16 -14.97 30.50
CA GLU C 5 38.08 -15.29 31.42
C GLU C 5 36.88 -14.42 31.09
N LEU C 6 35.70 -14.92 31.46
CA LEU C 6 34.45 -14.28 31.06
C LEU C 6 34.01 -13.25 32.08
N ARG C 7 33.17 -12.32 31.64
CA ARG C 7 32.68 -11.20 32.41
C ARG C 7 31.16 -11.21 32.37
N PRO C 8 30.51 -10.47 33.27
CA PRO C 8 29.05 -10.32 33.18
C PRO C 8 28.64 -9.67 31.87
N GLY C 9 27.48 -10.08 31.36
CA GLY C 9 27.03 -9.67 30.05
C GLY C 9 27.33 -10.66 28.95
N THR C 10 27.74 -11.88 29.29
CA THR C 10 28.03 -12.90 28.29
C THR C 10 26.76 -13.62 27.88
N ASN C 11 26.67 -13.96 26.60
CA ASN C 11 25.54 -14.69 26.03
C ASN C 11 24.23 -13.92 26.14
N GLN C 12 24.30 -12.60 26.06
CA GLN C 12 23.11 -11.76 26.02
C GLN C 12 22.97 -11.16 24.63
N PHE C 13 21.72 -10.93 24.22
CA PHE C 13 21.41 -10.36 22.92
C PHE C 13 20.87 -8.95 23.14
N LEU C 14 21.77 -7.96 23.05
CA LEU C 14 21.36 -6.58 23.18
C LEU C 14 20.83 -6.06 21.85
N THR C 15 19.68 -5.40 21.88
CA THR C 15 19.03 -4.95 20.65
C THR C 15 19.80 -3.82 20.00
N THR C 16 20.17 -2.80 20.77
CA THR C 16 20.94 -1.66 20.26
C THR C 16 22.42 -1.95 20.48
N ASP C 17 22.98 -2.79 19.62
CA ASP C 17 24.36 -3.25 19.76
C ASP C 17 25.03 -3.27 18.40
N ASP C 18 26.11 -2.51 18.25
CA ASP C 18 26.88 -2.49 17.02
C ASP C 18 28.00 -3.52 17.12
N ASP C 19 27.78 -4.69 16.53
CA ASP C 19 28.76 -5.77 16.55
C ASP C 19 28.75 -6.49 15.20
N THR C 20 29.91 -6.99 14.79
CA THR C 20 30.02 -7.69 13.52
C THR C 20 29.35 -9.05 13.59
N ALA C 21 28.80 -9.48 12.46
CA ALA C 21 28.13 -10.77 12.34
C ALA C 21 28.79 -11.58 11.23
N ALA C 22 28.43 -12.86 11.17
CA ALA C 22 29.02 -13.76 10.19
C ALA C 22 28.30 -13.62 8.85
N PRO C 23 29.04 -13.43 7.75
CA PRO C 23 28.39 -13.32 6.43
C PRO C 23 27.90 -14.67 5.94
N ILE C 24 26.72 -14.66 5.32
CA ILE C 24 26.14 -15.89 4.78
C ILE C 24 26.56 -16.14 3.34
N LEU C 25 26.73 -15.08 2.55
CA LEU C 25 27.20 -15.22 1.17
C LEU C 25 28.64 -14.76 1.06
N PRO C 26 29.60 -15.66 0.96
CA PRO C 26 31.01 -15.24 0.83
C PRO C 26 31.33 -14.85 -0.60
N GLY C 27 32.10 -13.77 -0.74
CA GLY C 27 32.50 -13.30 -2.05
C GLY C 27 31.34 -12.74 -2.85
N PHE C 28 30.59 -11.83 -2.23
CA PHE C 28 29.37 -11.29 -2.81
C PHE C 28 29.53 -9.81 -3.08
N THR C 29 29.15 -9.39 -4.28
CA THR C 29 29.10 -7.98 -4.65
C THR C 29 27.67 -7.62 -5.04
N PRO C 30 27.07 -6.60 -4.43
CA PRO C 30 25.66 -6.31 -4.70
C PRO C 30 25.43 -5.58 -6.02
N THR C 31 24.18 -5.24 -6.28
CA THR C 31 23.85 -4.47 -7.47
C THR C 31 24.42 -3.06 -7.33
N PRO C 32 25.00 -2.50 -8.39
CA PRO C 32 25.57 -1.15 -8.30
C PRO C 32 24.50 -0.11 -8.01
N THR C 33 24.95 1.06 -7.58
CA THR C 33 24.06 2.14 -7.21
C THR C 33 23.75 3.02 -8.41
N ILE C 34 22.60 3.68 -8.35
CA ILE C 34 22.21 4.70 -9.30
C ILE C 34 21.87 5.97 -8.54
N HIS C 35 21.72 7.07 -9.28
CA HIS C 35 21.39 8.35 -8.68
C HIS C 35 19.88 8.47 -8.53
N ILE C 36 19.40 8.46 -7.30
CA ILE C 36 17.99 8.65 -6.99
C ILE C 36 17.85 10.02 -6.33
N PRO C 37 17.03 10.92 -6.87
CA PRO C 37 16.89 12.25 -6.27
C PRO C 37 16.06 12.23 -5.00
N GLY C 38 16.44 13.09 -4.06
CA GLY C 38 15.70 13.24 -2.83
C GLY C 38 16.18 12.32 -1.72
N GLU C 39 17.47 12.29 -1.47
CA GLU C 39 18.04 11.47 -0.41
C GLU C 39 18.05 12.24 0.91
N VAL C 40 17.67 11.56 1.98
CA VAL C 40 17.70 12.14 3.30
C VAL C 40 18.87 11.54 4.07
N HIS C 41 19.37 12.30 5.04
CA HIS C 41 20.47 11.86 5.89
C HIS C 41 20.18 11.98 7.37
N SER C 42 19.25 12.84 7.78
CA SER C 42 18.86 12.97 9.17
C SER C 42 17.37 13.25 9.22
N LEU C 43 16.78 13.06 10.40
CA LEU C 43 15.37 13.38 10.58
C LEU C 43 15.14 14.85 10.88
N LEU C 44 16.20 15.64 11.06
CA LEU C 44 16.07 17.09 11.17
C LEU C 44 15.77 17.74 9.83
N GLU C 45 16.00 17.04 8.73
CA GLU C 45 15.63 17.56 7.42
C GLU C 45 14.12 17.54 7.23
N LEU C 46 13.44 16.62 7.93
CA LEU C 46 11.99 16.48 7.79
C LEU C 46 11.24 17.41 8.73
N CYS C 47 11.81 17.73 9.90
CA CYS C 47 11.14 18.65 10.81
C CYS C 47 11.22 20.09 10.37
N ARG C 48 12.16 20.44 9.50
CA ARG C 48 12.25 21.80 8.96
C ARG C 48 11.32 22.03 7.78
N VAL C 49 10.30 21.19 7.62
CA VAL C 49 9.36 21.29 6.52
C VAL C 49 7.98 21.60 7.10
N GLU C 50 7.33 22.62 6.57
CA GLU C 50 6.04 23.04 7.07
C GLU C 50 4.98 21.99 6.79
N THR C 51 4.06 21.82 7.73
CA THR C 51 2.99 20.82 7.62
C THR C 51 1.76 21.37 8.33
N ILE C 52 0.58 21.01 7.82
CA ILE C 52 -0.66 21.65 8.23
C ILE C 52 -0.99 21.27 9.67
N LEU C 53 -1.15 22.27 10.52
CA LEU C 53 -1.65 22.04 11.90
C LEU C 53 -3.15 21.73 11.82
N GLU C 54 -3.61 20.96 12.79
CA GLU C 54 -5.02 20.58 12.89
C GLU C 54 -5.61 21.30 14.10
N VAL C 55 -6.01 22.55 13.88
CA VAL C 55 -6.46 23.39 14.99
C VAL C 55 -7.94 23.19 15.25
N ASN C 56 -8.70 22.76 14.25
CA ASN C 56 -10.14 22.57 14.37
C ASN C 56 -10.49 21.11 14.65
N ASN C 57 -9.67 20.43 15.43
CA ASN C 57 -9.80 19.01 15.73
C ASN C 57 -10.95 18.69 16.65
N THR C 58 -11.84 19.62 16.96
CA THR C 58 -12.98 19.33 17.81
C THR C 58 -13.98 18.47 17.04
N THR C 59 -15.13 18.20 17.67
CA THR C 59 -16.18 17.43 17.03
C THR C 59 -16.96 18.35 16.08
N GLU C 60 -18.12 17.86 15.61
CA GLU C 60 -18.93 18.57 14.63
C GLU C 60 -18.12 19.00 13.42
N ALA C 61 -17.10 18.20 13.06
CA ALA C 61 -16.25 18.51 11.92
C ALA C 61 -15.92 17.23 11.16
N THR C 62 -15.89 17.34 9.83
CA THR C 62 -15.51 16.24 8.97
C THR C 62 -14.00 16.32 8.75
N GLY C 63 -13.46 15.53 7.81
CA GLY C 63 -12.01 15.45 7.65
C GLY C 63 -11.41 16.72 7.06
N LEU C 64 -12.05 17.28 6.04
CA LEU C 64 -11.46 18.42 5.36
C LEU C 64 -11.68 19.73 6.11
N THR C 65 -12.84 19.91 6.73
CA THR C 65 -13.07 21.10 7.54
C THR C 65 -12.40 21.02 8.90
N ARG C 66 -11.66 19.95 9.16
CA ARG C 66 -10.92 19.77 10.40
C ARG C 66 -9.58 20.50 10.38
N LEU C 67 -9.15 21.00 9.22
CA LEU C 67 -7.87 21.67 9.06
C LEU C 67 -8.00 23.15 8.75
N LEU C 68 -9.12 23.77 9.12
CA LEU C 68 -9.39 25.15 8.76
C LEU C 68 -9.76 25.96 9.99
N ILE C 69 -9.47 27.26 9.93
CA ILE C 69 -9.80 28.19 11.01
C ILE C 69 -10.76 29.24 10.45
N PRO C 70 -12.01 29.27 10.90
CA PRO C 70 -12.98 30.20 10.32
C PRO C 70 -12.77 31.62 10.80
N VAL C 71 -12.88 32.56 9.86
CA VAL C 71 -12.70 33.99 10.13
C VAL C 71 -13.92 34.72 9.60
N SER C 72 -14.60 35.46 10.49
CA SER C 72 -15.78 36.23 10.13
C SER C 72 -15.65 37.64 10.68
N SER C 73 -16.72 38.42 10.54
CA SER C 73 -16.75 39.81 10.98
C SER C 73 -17.43 39.87 12.34
N GLN C 74 -16.64 40.02 13.40
CA GLN C 74 -17.14 40.04 14.75
C GLN C 74 -17.86 41.37 15.06
N ASN C 75 -18.96 41.27 15.80
CA ASN C 75 -19.68 42.47 16.22
C ASN C 75 -18.99 43.14 17.41
N LYS C 76 -18.49 42.35 18.36
CA LYS C 76 -17.72 42.90 19.45
C LYS C 76 -16.35 43.34 18.94
N ALA C 77 -15.84 44.45 19.49
CA ALA C 77 -14.65 45.08 18.93
C ALA C 77 -13.42 44.19 19.03
N ASP C 78 -13.36 43.31 20.02
CA ASP C 78 -12.20 42.45 20.22
C ASP C 78 -12.69 41.07 20.65
N GLU C 79 -12.25 40.03 19.92
CA GLU C 79 -12.63 38.66 20.24
C GLU C 79 -11.43 37.75 20.08
N LEU C 80 -11.56 36.53 20.60
CA LEU C 80 -10.51 35.52 20.55
C LEU C 80 -10.81 34.50 19.47
N CYS C 81 -9.81 34.25 18.62
CA CYS C 81 -9.89 33.19 17.63
C CYS C 81 -9.27 31.91 18.20
N ALA C 82 -8.99 30.94 17.33
CA ALA C 82 -8.48 29.66 17.77
C ALA C 82 -7.18 29.80 18.57
N ALA C 83 -6.98 28.90 19.52
CA ALA C 83 -5.77 28.83 20.32
C ALA C 83 -5.38 27.38 20.52
N PHE C 84 -4.09 27.14 20.76
CA PHE C 84 -3.59 25.78 20.90
C PHE C 84 -2.26 25.80 21.64
N MET C 85 -1.87 24.63 22.14
CA MET C 85 -0.65 24.46 22.92
C MET C 85 0.58 24.42 22.00
N VAL C 86 1.75 24.53 22.61
CA VAL C 86 2.99 24.58 21.85
C VAL C 86 3.69 23.22 21.78
N ASP C 87 3.71 22.47 22.88
CA ASP C 87 4.39 21.19 23.01
C ASP C 87 4.01 20.25 21.86
N PRO C 88 4.95 19.92 20.98
CA PRO C 88 4.61 19.06 19.84
C PRO C 88 4.40 17.60 20.20
N GLY C 89 4.82 17.16 21.38
CA GLY C 89 4.59 15.81 21.83
C GLY C 89 3.32 15.61 22.62
N ARG C 90 2.40 16.57 22.59
CA ARG C 90 1.15 16.51 23.35
C ARG C 90 -0.01 16.27 22.38
N ILE C 91 -1.01 15.53 22.86
CA ILE C 91 -2.17 15.23 22.03
C ILE C 91 -2.92 16.51 21.73
N GLY C 92 -3.04 16.85 20.45
CA GLY C 92 -3.72 18.05 20.03
C GLY C 92 -3.43 18.40 18.59
N PRO C 93 -3.32 19.71 18.30
CA PRO C 93 -3.09 20.13 16.91
C PRO C 93 -1.74 19.70 16.35
N TRP C 94 -0.72 19.54 17.18
CA TRP C 94 0.61 19.16 16.70
C TRP C 94 0.72 17.68 16.39
N GLN C 95 -0.39 16.95 16.42
CA GLN C 95 -0.39 15.52 16.13
C GLN C 95 -0.53 15.21 14.65
N SER C 96 -1.03 16.16 13.87
CA SER C 96 -1.25 15.98 12.44
C SER C 96 -0.04 16.36 11.59
N THR C 97 1.04 16.83 12.20
CA THR C 97 2.22 17.28 11.47
C THR C 97 3.29 16.20 11.48
N LEU C 98 4.29 16.38 10.60
CA LEU C 98 5.39 15.44 10.53
C LEU C 98 6.36 15.63 11.69
N VAL C 99 6.59 16.88 12.10
CA VAL C 99 7.48 17.14 13.23
C VAL C 99 6.87 16.59 14.51
N GLY C 100 5.54 16.53 14.61
CA GLY C 100 4.93 15.95 15.79
C GLY C 100 5.16 14.46 15.89
N GLN C 101 5.12 13.76 14.76
CA GLN C 101 5.40 12.32 14.78
C GLN C 101 6.88 12.06 15.01
N ILE C 102 7.76 12.89 14.43
CA ILE C 102 9.19 12.72 14.66
C ILE C 102 9.52 12.94 16.13
N CYS C 103 8.93 13.97 16.76
CA CYS C 103 9.13 14.20 18.17
C CYS C 103 8.41 13.17 19.04
N ARG C 104 7.41 12.47 18.50
CA ARG C 104 6.78 11.38 19.22
C ARG C 104 7.63 10.10 19.16
N TYR C 105 8.48 9.98 18.16
CA TYR C 105 9.43 8.86 18.14
C TYR C 105 10.47 9.01 19.25
N TYR C 106 10.96 10.22 19.47
CA TYR C 106 11.96 10.49 20.49
C TYR C 106 11.27 10.93 21.78
N THR C 107 12.06 11.24 22.81
CA THR C 107 11.50 11.55 24.12
C THR C 107 11.87 12.91 24.68
N GLN C 108 12.89 13.58 24.16
CA GLN C 108 13.25 14.91 24.64
C GLN C 108 13.61 15.80 23.44
N TRP C 109 13.15 17.04 23.49
CA TRP C 109 13.33 17.97 22.39
C TRP C 109 13.81 19.32 22.92
N SER C 110 14.48 20.07 22.05
CA SER C 110 14.90 21.43 22.35
C SER C 110 14.71 22.26 21.08
N GLY C 111 15.21 23.49 21.10
CA GLY C 111 15.17 24.33 19.92
C GLY C 111 13.85 25.05 19.75
N SER C 112 13.87 26.06 18.89
CA SER C 112 12.71 26.89 18.61
C SER C 112 11.81 26.26 17.55
N LEU C 113 10.56 26.69 17.52
CA LEU C 113 9.57 26.22 16.56
C LEU C 113 9.14 27.37 15.66
N LYS C 114 8.34 27.02 14.65
CA LYS C 114 7.77 28.01 13.72
C LYS C 114 6.35 27.58 13.37
N VAL C 115 5.40 28.50 13.50
CA VAL C 115 4.03 28.29 13.04
C VAL C 115 3.71 29.36 12.01
N THR C 116 3.41 28.93 10.79
CA THR C 116 3.16 29.83 9.68
C THR C 116 1.69 29.75 9.30
N PHE C 117 0.97 30.86 9.48
CA PHE C 117 -0.43 30.93 9.08
C PHE C 117 -0.55 31.39 7.64
N MET C 118 -1.72 31.14 7.06
CA MET C 118 -1.96 31.45 5.65
C MET C 118 -3.42 31.79 5.47
N PHE C 119 -3.69 32.94 4.86
CA PHE C 119 -5.05 33.43 4.66
C PHE C 119 -5.55 33.00 3.29
N THR C 120 -6.69 32.32 3.27
CA THR C 120 -7.29 31.79 2.04
C THR C 120 -8.64 32.44 1.79
N GLY C 121 -8.73 33.74 2.03
CA GLY C 121 -9.93 34.49 1.75
C GLY C 121 -9.95 35.04 0.34
N SER C 122 -10.76 36.06 0.13
CA SER C 122 -10.87 36.71 -1.17
C SER C 122 -9.78 37.78 -1.30
N PHE C 123 -9.72 38.40 -2.48
CA PHE C 123 -8.74 39.46 -2.70
C PHE C 123 -9.18 40.77 -2.06
N MET C 124 -10.47 41.08 -2.13
CA MET C 124 -10.99 42.33 -1.59
C MET C 124 -11.17 42.30 -0.07
N ALA C 125 -11.00 41.14 0.55
CA ALA C 125 -11.13 41.02 2.00
C ALA C 125 -9.81 41.40 2.65
N THR C 126 -9.86 42.35 3.59
CA THR C 126 -8.71 42.80 4.34
C THR C 126 -8.97 42.62 5.83
N GLY C 127 -7.98 42.99 6.63
CA GLY C 127 -8.10 42.88 8.08
C GLY C 127 -6.74 42.65 8.71
N LYS C 128 -6.74 42.74 10.04
CA LYS C 128 -5.53 42.56 10.83
C LYS C 128 -5.81 41.58 11.95
N MET C 129 -4.78 40.83 12.35
CA MET C 129 -4.91 39.84 13.43
C MET C 129 -3.69 39.98 14.33
N LEU C 130 -3.81 39.42 15.53
CA LEU C 130 -2.72 39.39 16.50
C LEU C 130 -2.45 37.95 16.88
N VAL C 131 -1.30 37.43 16.47
CA VAL C 131 -0.82 36.12 16.90
C VAL C 131 0.15 36.33 18.04
N ALA C 132 -0.07 35.63 19.15
CA ALA C 132 0.70 35.87 20.36
C ALA C 132 1.12 34.56 21.02
N TYR C 133 2.37 34.52 21.46
CA TYR C 133 2.90 33.39 22.22
C TYR C 133 3.17 33.83 23.65
N SER C 134 2.89 32.95 24.60
CA SER C 134 3.10 33.27 26.00
C SER C 134 3.80 32.12 26.72
N PRO C 135 4.89 32.38 27.43
CA PRO C 135 5.57 31.32 28.19
C PRO C 135 4.69 30.82 29.33
N PRO C 136 5.08 29.73 30.01
CA PRO C 136 4.22 29.20 31.07
C PRO C 136 4.00 30.16 32.23
N GLY C 137 3.20 29.73 33.20
CA GLY C 137 2.74 30.62 34.25
C GLY C 137 1.27 30.43 34.53
N SER C 138 0.47 31.46 34.30
CA SER C 138 -0.97 31.38 34.53
C SER C 138 -1.62 30.63 33.37
N ALA C 139 -2.96 30.63 33.34
CA ALA C 139 -3.70 29.90 32.32
C ALA C 139 -3.76 30.69 31.03
N GLN C 140 -4.60 30.23 30.09
CA GLN C 140 -4.79 30.95 28.85
C GLN C 140 -5.33 32.35 29.14
N PRO C 141 -4.83 33.38 28.47
CA PRO C 141 -5.29 34.75 28.76
C PRO C 141 -6.74 34.95 28.39
N ALA C 142 -7.41 35.79 29.18
CA ALA C 142 -8.84 36.02 28.99
C ALA C 142 -9.09 37.03 27.87
N ASN C 143 -8.40 38.17 27.91
CA ASN C 143 -8.55 39.21 26.91
C ASN C 143 -7.23 39.44 26.19
N ARG C 144 -7.29 40.33 25.19
CA ARG C 144 -6.10 40.61 24.39
C ARG C 144 -5.08 41.44 25.18
N GLU C 145 -5.57 42.33 26.04
CA GLU C 145 -4.69 43.19 26.81
C GLU C 145 -3.82 42.42 27.79
N THR C 146 -4.17 41.17 28.10
CA THR C 146 -3.32 40.30 28.89
C THR C 146 -2.42 39.44 28.01
N ALA C 147 -2.91 39.04 26.84
CA ALA C 147 -2.17 38.14 25.97
C ALA C 147 -1.09 38.84 25.16
N MET C 148 -1.17 40.16 24.99
CA MET C 148 -0.21 40.87 24.16
C MET C 148 1.04 41.28 24.94
N LEU C 149 1.19 40.84 26.19
CA LEU C 149 2.40 41.10 26.94
C LEU C 149 3.53 40.13 26.62
N GLY C 150 3.25 39.05 25.90
CA GLY C 150 4.26 38.09 25.51
C GLY C 150 4.89 38.40 24.17
N THR C 151 5.23 37.34 23.44
CA THR C 151 5.78 37.47 22.10
C THR C 151 4.66 37.44 21.09
N HIS C 152 4.46 38.55 20.38
CA HIS C 152 3.34 38.68 19.45
C HIS C 152 3.80 39.34 18.17
N VAL C 153 3.05 39.10 17.10
CA VAL C 153 3.32 39.67 15.79
C VAL C 153 2.01 40.18 15.20
N ILE C 154 1.97 41.46 14.85
CA ILE C 154 0.81 42.04 14.19
C ILE C 154 0.83 41.61 12.72
N TRP C 155 -0.28 41.03 12.26
CA TRP C 155 -0.37 40.46 10.92
C TRP C 155 -1.44 41.18 10.12
N ASP C 156 -1.15 41.41 8.84
CA ASP C 156 -2.05 42.08 7.92
C ASP C 156 -2.44 41.16 6.78
N PHE C 157 -3.52 41.52 6.08
CA PHE C 157 -3.99 40.80 4.91
C PHE C 157 -3.67 41.65 3.68
N GLY C 158 -2.48 41.43 3.12
CA GLY C 158 -2.07 42.19 1.95
C GLY C 158 -1.87 41.31 0.72
N LEU C 159 -0.91 41.66 -0.12
CA LEU C 159 -0.60 40.83 -1.28
C LEU C 159 0.06 39.53 -0.83
N GLN C 160 1.04 39.62 0.05
CA GLN C 160 1.58 38.44 0.71
C GLN C 160 0.59 37.98 1.78
N SER C 161 0.18 36.72 1.71
CA SER C 161 -0.92 36.21 2.51
C SER C 161 -0.46 35.12 3.47
N SER C 162 0.69 35.32 4.10
CA SER C 162 1.18 34.37 5.08
C SER C 162 2.13 35.07 6.04
N VAL C 163 1.91 34.88 7.34
CA VAL C 163 2.82 35.34 8.38
C VAL C 163 3.39 34.12 9.07
N SER C 164 4.59 34.26 9.61
CA SER C 164 5.27 33.18 10.32
C SER C 164 5.59 33.64 11.73
N LEU C 165 4.77 33.24 12.69
CA LEU C 165 5.10 33.46 14.09
C LEU C 165 6.16 32.47 14.53
N VAL C 166 7.28 32.97 14.98
CA VAL C 166 8.32 32.12 15.53
C VAL C 166 8.10 31.99 17.03
N ILE C 167 8.32 30.79 17.55
CA ILE C 167 8.13 30.48 18.97
C ILE C 167 9.52 30.32 19.59
N PRO C 168 10.00 31.30 20.35
CA PRO C 168 11.36 31.21 20.88
C PRO C 168 11.50 30.16 21.96
N TRP C 169 12.74 29.76 22.20
CA TRP C 169 13.07 28.75 23.22
C TRP C 169 13.28 29.48 24.53
N ILE C 170 12.28 29.43 25.41
CA ILE C 170 12.28 30.20 26.66
C ILE C 170 12.26 29.24 27.83
N SER C 171 12.85 28.06 27.66
CA SER C 171 12.85 27.07 28.72
C SER C 171 13.95 27.37 29.74
N ASN C 172 13.76 26.85 30.96
CA ASN C 172 14.75 27.04 32.01
C ASN C 172 15.89 26.03 31.88
N THR C 173 15.59 24.82 31.44
CA THR C 173 16.58 23.78 31.24
C THR C 173 16.90 23.64 29.75
N HIS C 174 17.84 22.75 29.45
CA HIS C 174 18.30 22.59 28.07
C HIS C 174 17.32 21.77 27.23
N PHE C 175 16.65 20.79 27.83
CA PHE C 175 15.77 19.89 27.10
C PHE C 175 14.44 19.76 27.81
N ARG C 176 13.38 19.59 27.01
CA ARG C 176 12.03 19.37 27.50
C ARG C 176 11.56 17.99 27.07
N THR C 177 10.94 17.26 27.99
CA THR C 177 10.38 15.95 27.66
C THR C 177 9.05 16.12 26.95
N ALA C 178 8.86 15.35 25.87
CA ALA C 178 7.62 15.38 25.10
C ALA C 178 6.59 14.55 25.84
N LYS C 179 6.00 15.15 26.87
CA LYS C 179 5.06 14.46 27.74
C LYS C 179 4.03 15.45 28.24
N THR C 180 2.79 15.00 28.38
CA THR C 180 1.69 15.85 28.79
C THR C 180 1.74 16.06 30.30
N GLY C 181 0.64 16.55 30.87
CA GLY C 181 0.64 17.03 32.24
C GLY C 181 0.59 15.99 33.34
N GLY C 182 -0.25 16.26 34.36
CA GLY C 182 -0.21 15.49 35.59
C GLY C 182 0.81 16.06 36.54
N ASN C 183 1.86 15.30 36.83
CA ASN C 183 3.02 15.82 37.55
C ASN C 183 4.10 16.32 36.60
N TYR C 184 3.89 16.20 35.30
CA TYR C 184 4.87 16.60 34.30
C TYR C 184 4.59 17.97 33.71
N ASP C 185 3.81 18.81 34.40
CA ASP C 185 3.64 20.20 33.96
C ASP C 185 4.93 21.00 34.04
N TYR C 186 6.00 20.42 34.57
CA TYR C 186 7.29 21.11 34.63
C TYR C 186 7.87 21.38 33.25
N TYR C 187 7.47 20.59 32.25
CA TYR C 187 8.01 20.71 30.90
C TYR C 187 7.01 21.28 29.91
N THR C 188 6.02 22.05 30.37
CA THR C 188 5.10 22.70 29.46
C THR C 188 5.78 23.88 28.78
N ALA C 189 5.25 24.25 27.61
CA ALA C 189 5.87 25.26 26.77
C ALA C 189 5.10 26.56 26.68
N GLY C 190 3.78 26.54 26.71
CA GLY C 190 2.99 27.74 26.67
C GLY C 190 1.82 27.59 25.74
N VAL C 191 1.14 28.70 25.48
CA VAL C 191 -0.06 28.73 24.66
C VAL C 191 0.14 29.75 23.55
N VAL C 192 -0.24 29.36 22.33
CA VAL C 192 -0.29 30.27 21.19
C VAL C 192 -1.75 30.64 20.96
N THR C 193 -2.09 31.90 21.14
CA THR C 193 -3.45 32.39 20.96
C THR C 193 -3.49 33.36 19.78
N LEU C 194 -4.57 33.26 19.00
CA LEU C 194 -4.76 34.11 17.83
C LEU C 194 -5.94 35.02 18.10
N TRP C 195 -5.71 36.33 17.98
CA TRP C 195 -6.69 37.35 18.35
C TRP C 195 -7.03 38.22 17.16
N TYR C 196 -8.21 38.81 17.19
CA TYR C 196 -8.63 39.78 16.19
C TYR C 196 -8.02 41.13 16.53
N GLN C 197 -7.19 41.67 15.63
CA GLN C 197 -6.60 42.98 15.90
C GLN C 197 -7.60 44.09 15.64
N THR C 198 -7.98 44.30 14.37
CA THR C 198 -9.00 45.29 14.08
C THR C 198 -10.36 44.68 13.77
N ASN C 199 -10.45 43.92 12.67
CA ASN C 199 -11.69 43.30 12.24
C ASN C 199 -11.47 42.50 10.96
N TYR C 200 -12.52 41.85 10.46
CA TYR C 200 -12.56 41.29 9.11
C TYR C 200 -13.56 42.09 8.30
N VAL C 201 -13.09 43.15 7.66
CA VAL C 201 -13.95 43.98 6.82
C VAL C 201 -14.00 43.42 5.41
N VAL C 202 -15.15 43.59 4.75
CA VAL C 202 -15.36 43.00 3.43
C VAL C 202 -16.32 43.88 2.64
N PRO C 203 -16.10 44.08 1.35
CA PRO C 203 -17.05 44.87 0.54
C PRO C 203 -18.31 44.09 0.27
N PRO C 204 -19.36 44.74 -0.23
CA PRO C 204 -20.61 44.03 -0.52
C PRO C 204 -20.46 43.09 -1.71
N GLU C 205 -21.43 42.20 -1.84
CA GLU C 205 -21.44 41.15 -2.87
C GLU C 205 -20.17 40.30 -2.80
N THR C 206 -19.73 40.00 -1.57
CA THR C 206 -18.50 39.24 -1.35
C THR C 206 -18.76 38.37 -0.13
N PRO C 207 -18.38 37.09 -0.17
CA PRO C 207 -18.62 36.22 0.99
C PRO C 207 -17.85 36.69 2.22
N GLY C 208 -18.54 36.69 3.36
CA GLY C 208 -17.97 37.19 4.59
C GLY C 208 -17.54 36.09 5.55
N GLU C 209 -16.96 35.01 5.01
CA GLU C 209 -16.48 33.91 5.83
C GLU C 209 -15.26 33.32 5.14
N ALA C 210 -14.07 33.62 5.64
CA ALA C 210 -12.83 33.11 5.09
C ALA C 210 -12.29 31.98 5.97
N TYR C 211 -11.13 31.46 5.58
CA TYR C 211 -10.48 30.40 6.32
C TYR C 211 -8.98 30.65 6.35
N ILE C 212 -8.35 30.28 7.46
CA ILE C 212 -6.91 30.43 7.65
C ILE C 212 -6.32 29.04 7.86
N ILE C 213 -5.32 28.70 7.05
CA ILE C 213 -4.62 27.43 7.16
C ILE C 213 -3.38 27.63 8.02
N ALA C 214 -3.21 26.77 9.03
CA ALA C 214 -2.09 26.86 9.95
C ALA C 214 -1.07 25.77 9.64
N MET C 215 0.19 26.18 9.50
CA MET C 215 1.29 25.26 9.22
C MET C 215 2.38 25.44 10.26
N GLY C 216 3.18 24.40 10.44
CA GLY C 216 4.20 24.41 11.48
C GLY C 216 5.41 23.58 11.09
N ALA C 217 6.57 24.04 11.55
CA ALA C 217 7.83 23.37 11.26
C ALA C 217 8.78 23.64 12.42
N ALA C 218 10.07 23.34 12.21
CA ALA C 218 11.09 23.52 13.23
C ALA C 218 12.15 24.48 12.74
N GLN C 219 13.03 24.89 13.65
CA GLN C 219 14.09 25.84 13.37
C GLN C 219 15.42 25.11 13.20
N ASP C 220 16.50 25.89 13.07
CA ASP C 220 17.83 25.33 12.90
C ASP C 220 18.40 24.77 14.20
N ASN C 221 17.96 25.28 15.35
CA ASN C 221 18.44 24.82 16.64
C ASN C 221 17.59 23.69 17.22
N PHE C 222 16.61 23.21 16.47
CA PHE C 222 15.80 22.10 16.94
C PHE C 222 16.63 20.82 16.99
N THR C 223 16.66 20.18 18.14
CA THR C 223 17.43 18.96 18.33
C THR C 223 16.64 17.99 19.19
N LEU C 224 16.84 16.70 18.95
CA LEU C 224 16.15 15.65 19.67
C LEU C 224 17.14 14.81 20.47
N LYS C 225 16.62 13.85 21.23
CA LYS C 225 17.42 13.01 22.10
C LYS C 225 16.77 11.63 22.23
N ILE C 226 17.11 10.91 23.30
CA ILE C 226 16.77 9.48 23.58
C ILE C 226 15.61 9.01 22.69
N CYS C 227 15.74 7.95 21.90
CA CYS C 227 14.68 7.41 21.02
C CYS C 227 13.89 6.35 21.79
N LYS C 228 12.65 6.17 21.36
CA LYS C 228 11.75 5.23 22.01
C LYS C 228 10.67 4.82 21.00
N ASP C 229 9.65 4.12 21.48
CA ASP C 229 8.51 3.76 20.66
C ASP C 229 7.46 4.86 20.72
N THR C 230 6.71 5.01 19.64
CA THR C 230 5.64 5.98 19.60
C THR C 230 4.39 5.42 20.29
N ASP C 231 3.45 6.32 20.60
CA ASP C 231 2.19 5.93 21.23
C ASP C 231 1.01 6.07 20.28
N GLU C 232 1.27 6.18 18.97
CA GLU C 232 0.20 6.25 18.00
C GLU C 232 -0.39 4.89 17.68
N VAL C 233 0.30 3.80 18.01
CA VAL C 233 -0.16 2.44 17.72
C VAL C 233 0.15 1.56 18.91
N THR C 234 -0.88 0.91 19.47
CA THR C 234 -0.72 -0.04 20.55
C THR C 234 -1.22 -1.43 20.18
N GLN C 235 -2.40 -1.52 19.58
CA GLN C 235 -2.96 -2.79 19.16
C GLN C 235 -2.73 -3.01 17.67
N GLN C 236 -2.72 -4.28 17.27
CA GLN C 236 -2.58 -4.63 15.86
C GLN C 236 -3.28 -5.97 15.62
N ALA C 237 -3.91 -6.09 14.46
CA ALA C 237 -4.52 -7.34 14.06
C ALA C 237 -3.46 -8.26 13.45
N VAL C 238 -3.72 -9.56 13.54
CA VAL C 238 -2.80 -10.56 12.99
C VAL C 238 -2.89 -10.49 11.46
N LEU C 239 -1.83 -10.01 10.83
CA LEU C 239 -1.83 -9.80 9.39
C LEU C 239 -1.38 -11.07 8.66
N PHE D 27 39.26 -0.79 18.93
CA PHE D 27 38.35 0.34 18.78
C PHE D 27 37.35 0.15 17.65
N THR D 28 36.09 0.52 17.91
CA THR D 28 35.02 0.57 16.93
C THR D 28 34.73 -0.79 16.28
N ASN D 29 35.32 -1.87 16.79
CA ASN D 29 34.98 -3.23 16.39
C ASN D 29 35.12 -3.44 14.88
N ILE D 30 36.37 -3.35 14.42
CA ILE D 30 36.67 -3.68 13.03
C ILE D 30 36.34 -5.16 12.78
N ASN D 31 35.96 -5.48 11.56
CA ASN D 31 35.53 -6.84 11.26
C ASN D 31 36.74 -7.75 11.03
N TYR D 32 36.51 -9.05 11.20
CA TYR D 32 37.50 -10.07 10.87
C TYR D 32 36.85 -11.03 9.86
N TYR D 33 36.83 -10.61 8.60
CA TYR D 33 36.20 -11.37 7.52
C TYR D 33 36.74 -10.85 6.20
N LYS D 34 36.44 -11.59 5.13
CA LYS D 34 36.78 -11.12 3.79
C LYS D 34 35.71 -10.21 3.21
N ASP D 35 34.48 -10.33 3.69
CA ASP D 35 33.38 -9.52 3.19
C ASP D 35 33.38 -8.15 3.87
N SER D 36 32.68 -7.21 3.25
CA SER D 36 32.60 -5.85 3.75
C SER D 36 31.24 -5.49 4.34
N TYR D 37 30.19 -6.27 4.05
CA TYR D 37 28.88 -6.00 4.61
C TYR D 37 28.69 -6.63 5.99
N ALA D 38 29.65 -7.43 6.46
CA ALA D 38 29.54 -8.10 7.74
C ALA D 38 30.16 -7.29 8.88
N ALA D 39 30.50 -6.02 8.64
CA ALA D 39 31.07 -5.18 9.68
C ALA D 39 29.97 -4.43 10.41
N SER D 40 30.36 -3.60 11.36
CA SER D 40 29.43 -2.79 12.13
C SER D 40 29.22 -1.46 11.41
N ALA D 41 28.56 -0.51 12.07
CA ALA D 41 28.35 0.80 11.46
C ALA D 41 29.68 1.54 11.31
N THR D 42 29.89 2.12 10.14
CA THR D 42 31.12 2.84 9.85
C THR D 42 31.04 4.26 10.42
N ARG D 43 31.96 5.12 10.00
CA ARG D 43 32.00 6.48 10.50
C ARG D 43 30.73 7.24 10.10
N GLN D 44 30.34 8.19 10.95
CA GLN D 44 29.12 8.96 10.72
C GLN D 44 29.33 9.97 9.60
N ASP D 45 28.21 10.53 9.13
CA ASP D 45 28.22 11.51 8.06
C ASP D 45 27.15 12.55 8.40
N PHE D 46 27.58 13.79 8.63
CA PHE D 46 26.69 14.87 9.06
C PHE D 46 26.23 15.74 7.90
N THR D 47 26.20 15.22 6.67
CA THR D 47 25.81 16.01 5.51
C THR D 47 24.29 16.09 5.47
N GLN D 48 23.74 17.20 5.98
CA GLN D 48 22.29 17.38 6.01
C GLN D 48 21.75 17.86 4.66
N ASP D 49 22.20 19.04 4.23
CA ASP D 49 21.71 19.69 3.01
C ASP D 49 20.18 19.76 3.02
N PRO D 50 19.58 20.57 3.89
CA PRO D 50 18.12 20.58 4.02
C PRO D 50 17.39 21.51 3.08
N LYS D 51 18.09 22.26 2.22
CA LYS D 51 17.41 23.17 1.30
C LYS D 51 16.77 22.47 0.12
N LYS D 52 17.04 21.17 -0.06
CA LYS D 52 16.41 20.43 -1.15
C LYS D 52 14.95 20.11 -0.87
N PHE D 53 14.50 20.27 0.37
CA PHE D 53 13.11 20.04 0.74
C PHE D 53 12.39 21.31 1.20
N THR D 54 13.10 22.26 1.80
CA THR D 54 12.48 23.44 2.37
C THR D 54 12.32 24.57 1.34
N GLN D 55 13.30 24.75 0.47
CA GLN D 55 13.25 25.78 -0.57
C GLN D 55 13.58 25.17 -1.92
N PRO D 56 12.66 24.38 -2.49
CA PRO D 56 12.87 23.79 -3.82
C PRO D 56 12.40 24.70 -4.96
N VAL D 57 12.87 25.94 -4.97
CA VAL D 57 12.48 26.92 -5.97
C VAL D 57 13.70 27.32 -6.79
N LEU D 58 13.45 28.01 -7.90
CA LEU D 58 14.53 28.42 -8.79
C LEU D 58 15.06 29.81 -8.46
N ASP D 59 14.18 30.77 -8.23
CA ASP D 59 14.60 32.11 -7.81
C ASP D 59 14.96 32.08 -6.33
N SER D 60 16.21 32.39 -6.01
CA SER D 60 16.70 32.38 -4.63
C SER D 60 16.04 33.53 -3.88
N ILE D 61 15.08 33.19 -3.02
CA ILE D 61 14.38 34.20 -2.24
C ILE D 61 15.32 34.76 -1.18
N ARG D 62 15.51 36.07 -1.19
CA ARG D 62 16.33 36.71 -0.18
C ARG D 62 15.62 36.68 1.17
N GLU D 63 16.40 36.86 2.24
CA GLU D 63 15.83 36.70 3.57
C GLU D 63 15.00 37.93 3.97
N LEU D 64 15.46 39.12 3.58
CA LEU D 64 14.78 40.37 3.89
C LEU D 64 14.29 40.93 2.57
N SER D 65 13.12 40.48 2.15
CA SER D 65 12.49 40.92 0.91
C SER D 65 11.09 40.36 0.85
N ALA D 66 10.31 40.85 -0.09
CA ALA D 66 9.00 40.25 -0.32
C ALA D 66 9.11 39.09 -1.29
N PRO D 67 8.44 37.97 -1.03
CA PRO D 67 8.51 36.82 -1.96
C PRO D 67 7.86 37.09 -3.31
N LEU D 68 6.99 38.09 -3.41
CA LEU D 68 6.32 38.41 -4.67
C LEU D 68 6.35 39.92 -4.89
N ASN D 69 6.68 40.32 -6.11
CA ASN D 69 6.74 41.73 -6.46
C ASN D 69 5.60 42.12 -7.39
N PRO E 10 -22.38 -38.33 -4.39
CA PRO E 10 -21.87 -36.99 -4.71
C PRO E 10 -22.80 -35.89 -4.22
N GLU E 11 -22.21 -34.87 -3.59
CA GLU E 11 -22.97 -33.74 -3.06
C GLU E 11 -22.58 -32.41 -3.67
N CYS E 12 -21.36 -32.27 -4.18
CA CYS E 12 -20.88 -31.03 -4.78
C CYS E 12 -20.73 -31.25 -6.28
N PHE E 13 -21.59 -30.60 -7.06
CA PHE E 13 -21.50 -30.61 -8.52
C PHE E 13 -20.93 -29.31 -9.07
N THR E 14 -20.21 -28.54 -8.25
CA THR E 14 -19.57 -27.31 -8.66
C THR E 14 -18.10 -27.35 -8.27
N ALA E 15 -17.28 -26.62 -9.03
CA ALA E 15 -15.84 -26.64 -8.82
C ALA E 15 -15.40 -26.01 -7.51
N ASN E 16 -16.28 -25.25 -6.85
CA ASN E 16 -15.94 -24.60 -5.59
C ASN E 16 -16.84 -25.00 -4.43
N GLY E 17 -17.82 -25.86 -4.67
CA GLY E 17 -18.75 -26.24 -3.62
C GLY E 17 -19.71 -25.14 -3.24
N ALA E 18 -20.26 -24.42 -4.22
CA ALA E 18 -21.24 -23.38 -3.92
C ALA E 18 -22.60 -23.99 -3.57
N ASP E 19 -22.95 -25.12 -4.18
CA ASP E 19 -24.17 -25.84 -3.84
C ASP E 19 -23.77 -27.06 -3.00
N TYR E 20 -23.59 -26.81 -1.70
CA TYR E 20 -23.34 -27.86 -0.72
C TYR E 20 -24.30 -27.67 0.43
N ARG E 21 -25.26 -28.58 0.56
CA ARG E 21 -26.22 -28.58 1.66
C ARG E 21 -25.99 -29.87 2.46
N GLY E 22 -25.05 -29.80 3.41
CA GLY E 22 -24.72 -30.92 4.26
C GLY E 22 -24.87 -30.57 5.73
N THR E 23 -24.65 -31.58 6.57
CA THR E 23 -24.79 -31.45 8.01
C THR E 23 -23.48 -31.67 8.75
N GLN E 24 -22.36 -31.34 8.12
CA GLN E 24 -21.05 -31.46 8.76
C GLN E 24 -20.76 -30.16 9.50
N ASN E 25 -20.87 -30.21 10.81
CA ASN E 25 -20.65 -29.05 11.68
C ASN E 25 -19.28 -29.13 12.34
N TRP E 26 -18.30 -29.65 11.61
CA TRP E 26 -16.91 -29.69 12.02
C TRP E 26 -16.07 -29.18 10.86
N THR E 27 -14.85 -28.72 11.18
CA THR E 27 -13.94 -28.34 10.10
C THR E 27 -13.29 -29.57 9.48
N ALA E 28 -12.86 -30.51 10.31
CA ALA E 28 -12.39 -31.81 9.86
C ALA E 28 -12.92 -32.87 10.83
N LEU E 29 -13.14 -34.07 10.30
CA LEU E 29 -13.69 -35.14 11.12
C LEU E 29 -12.65 -35.73 12.06
N GLN E 30 -11.36 -35.60 11.72
CA GLN E 30 -10.27 -36.13 12.54
C GLN E 30 -9.38 -34.95 12.94
N GLY E 31 -9.47 -34.54 14.20
CA GLY E 31 -8.67 -33.45 14.70
C GLY E 31 -9.09 -32.09 14.20
N GLY E 32 -10.32 -31.68 14.57
CA GLY E 32 -10.85 -30.41 14.14
C GLY E 32 -11.46 -29.65 15.30
N LYS E 33 -11.77 -28.38 15.04
CA LYS E 33 -12.44 -27.49 15.97
C LYS E 33 -13.85 -27.16 15.48
N PRO E 34 -14.80 -26.95 16.39
CA PRO E 34 -16.19 -26.80 15.97
C PRO E 34 -16.44 -25.47 15.27
N CYS E 35 -17.49 -25.46 14.46
CA CYS E 35 -17.90 -24.27 13.74
C CYS E 35 -18.94 -23.50 14.55
N LEU E 36 -18.90 -22.17 14.44
CA LEU E 36 -19.87 -21.34 15.13
C LEU E 36 -21.17 -21.27 14.33
N PHE E 37 -22.26 -20.97 15.04
CA PHE E 37 -23.56 -20.88 14.41
C PHE E 37 -23.64 -19.65 13.50
N TRP E 38 -24.55 -19.72 12.53
CA TRP E 38 -24.75 -18.64 11.58
C TRP E 38 -25.68 -17.56 12.10
N ASN E 39 -26.23 -17.72 13.31
CA ASN E 39 -27.02 -16.69 13.95
C ASN E 39 -26.29 -16.01 15.12
N GLU E 40 -25.18 -16.58 15.59
CA GLU E 40 -24.39 -16.03 16.67
C GLU E 40 -23.20 -15.22 16.17
N THR E 41 -23.30 -14.66 14.96
CA THR E 41 -22.14 -14.06 14.30
C THR E 41 -22.41 -12.63 13.87
N PHE E 42 -22.95 -11.81 14.78
CA PHE E 42 -23.23 -10.41 14.49
C PHE E 42 -21.95 -9.63 14.18
N GLN E 43 -20.77 -10.17 14.52
CA GLN E 43 -19.53 -9.44 14.32
C GLN E 43 -19.09 -9.42 12.86
N HIS E 44 -19.47 -10.44 12.09
CA HIS E 44 -18.98 -10.60 10.74
C HIS E 44 -20.10 -10.37 9.72
N PRO E 45 -19.76 -9.94 8.51
CA PRO E 45 -20.80 -9.52 7.55
C PRO E 45 -21.57 -10.65 6.88
N TYR E 46 -21.45 -11.89 7.37
CA TYR E 46 -22.22 -13.01 6.83
C TYR E 46 -22.98 -13.68 7.96
N ASN E 47 -24.29 -13.44 7.99
CA ASN E 47 -25.19 -14.07 8.95
C ASN E 47 -26.59 -14.05 8.39
N THR E 48 -27.51 -14.73 9.10
CA THR E 48 -28.89 -14.82 8.65
C THR E 48 -29.68 -13.53 8.87
N LEU E 49 -29.15 -12.61 9.68
CA LEU E 49 -29.86 -11.37 9.98
C LEU E 49 -29.93 -10.44 8.78
N LYS E 50 -29.06 -10.62 7.79
CA LYS E 50 -29.13 -9.86 6.55
C LYS E 50 -29.47 -10.72 5.33
N TYR E 51 -29.25 -12.04 5.41
CA TYR E 51 -29.53 -12.96 4.31
C TYR E 51 -30.57 -13.98 4.76
N PRO E 52 -31.86 -13.62 4.77
CA PRO E 52 -32.90 -14.60 5.02
C PRO E 52 -33.27 -15.34 3.75
N ASN E 53 -34.08 -16.40 3.92
CA ASN E 53 -34.59 -17.20 2.81
C ASN E 53 -33.44 -17.80 1.98
N GLY E 54 -32.46 -18.36 2.68
CA GLY E 54 -31.37 -19.05 2.00
C GLY E 54 -30.15 -18.20 1.74
N GLU E 55 -30.01 -17.73 0.50
CA GLU E 55 -28.85 -16.95 0.05
C GLU E 55 -27.55 -17.73 0.31
N GLY E 56 -27.45 -18.88 -0.36
CA GLY E 56 -26.34 -19.78 -0.18
C GLY E 56 -26.58 -20.87 0.84
N GLY E 57 -27.62 -20.73 1.65
CA GLY E 57 -27.93 -21.67 2.72
C GLY E 57 -27.51 -21.10 4.05
N LEU E 58 -28.47 -20.52 4.78
CA LEU E 58 -28.18 -19.88 6.07
C LEU E 58 -29.45 -19.99 6.92
N GLY E 59 -29.44 -20.94 7.85
CA GLY E 59 -30.56 -21.09 8.77
C GLY E 59 -30.17 -20.87 10.21
N GLU E 60 -30.54 -21.80 11.07
CA GLU E 60 -30.17 -21.74 12.52
C GLU E 60 -29.20 -22.89 12.82
N HIS E 61 -28.24 -23.12 11.93
CA HIS E 61 -27.27 -24.19 12.07
C HIS E 61 -25.86 -23.61 12.04
N ASN E 62 -24.88 -24.50 12.10
CA ASN E 62 -23.46 -24.15 12.07
C ASN E 62 -22.74 -24.98 11.02
N TYR E 63 -23.34 -25.12 9.84
CA TYR E 63 -22.82 -25.99 8.80
C TYR E 63 -21.82 -25.25 7.92
N CYS E 64 -20.99 -26.01 7.23
CA CYS E 64 -19.93 -25.46 6.39
C CYS E 64 -20.52 -25.09 5.03
N ARG E 65 -20.83 -23.81 4.85
CA ARG E 65 -21.43 -23.30 3.62
C ARG E 65 -20.40 -22.47 2.86
N ASN E 66 -20.86 -21.91 1.73
CA ASN E 66 -20.04 -21.02 0.91
C ASN E 66 -20.92 -19.92 0.35
N PRO E 67 -21.19 -18.88 1.14
CA PRO E 67 -22.10 -17.83 0.69
C PRO E 67 -21.41 -16.72 -0.10
N ASP E 68 -20.09 -16.60 0.05
CA ASP E 68 -19.34 -15.49 -0.52
C ASP E 68 -18.67 -15.84 -1.83
N GLY E 69 -18.99 -17.00 -2.42
CA GLY E 69 -18.34 -17.39 -3.66
C GLY E 69 -16.88 -17.73 -3.49
N ASP E 70 -16.54 -18.49 -2.45
CA ASP E 70 -15.16 -18.85 -2.17
C ASP E 70 -14.78 -20.12 -2.93
N VAL E 71 -13.51 -20.49 -2.82
CA VAL E 71 -13.01 -21.67 -3.52
C VAL E 71 -13.46 -22.96 -2.85
N SER E 72 -13.89 -22.91 -1.60
CA SER E 72 -14.27 -24.11 -0.87
C SER E 72 -15.25 -23.73 0.22
N PRO E 73 -16.08 -24.67 0.67
CA PRO E 73 -16.95 -24.40 1.82
C PRO E 73 -16.13 -24.08 3.07
N TRP E 74 -16.69 -23.24 3.92
CA TRP E 74 -15.97 -22.76 5.11
C TRP E 74 -17.00 -22.32 6.14
N CYS E 75 -16.58 -22.38 7.40
CA CYS E 75 -17.41 -22.01 8.53
C CYS E 75 -16.65 -21.00 9.40
N TYR E 76 -17.32 -20.56 10.46
CA TYR E 76 -16.73 -19.66 11.45
C TYR E 76 -16.22 -20.50 12.62
N VAL E 77 -14.91 -20.47 12.85
CA VAL E 77 -14.34 -21.16 13.99
C VAL E 77 -14.23 -20.18 15.15
N ALA E 78 -14.19 -20.72 16.36
CA ALA E 78 -14.05 -19.88 17.55
C ALA E 78 -12.63 -19.32 17.61
N GLU E 79 -12.51 -18.01 17.78
CA GLU E 79 -11.21 -17.35 17.77
C GLU E 79 -10.52 -17.57 19.11
N HIS E 80 -9.40 -18.29 19.09
CA HIS E 80 -8.60 -18.59 20.27
C HIS E 80 -7.45 -17.62 20.46
N GLU E 81 -7.67 -16.34 20.16
CA GLU E 81 -6.66 -15.26 20.27
C GLU E 81 -5.37 -15.64 19.51
N ASP E 82 -5.54 -16.32 18.37
CA ASP E 82 -4.43 -16.69 17.51
C ASP E 82 -4.65 -16.21 16.08
N GLY E 83 -5.43 -15.16 15.89
CA GLY E 83 -5.63 -14.65 14.55
C GLY E 83 -6.83 -15.25 13.85
N VAL E 84 -6.58 -16.30 13.07
CA VAL E 84 -7.55 -16.91 12.19
C VAL E 84 -8.87 -17.14 12.92
N TYR E 85 -9.96 -16.66 12.32
CA TYR E 85 -11.32 -16.85 12.84
C TYR E 85 -12.20 -17.63 11.88
N TRP E 86 -11.64 -18.20 10.82
CA TRP E 86 -12.40 -18.98 9.85
C TRP E 86 -11.45 -19.98 9.19
N LYS E 87 -11.91 -21.22 9.08
CA LYS E 87 -11.12 -22.28 8.47
C LYS E 87 -11.91 -22.99 7.40
N TYR E 88 -11.20 -23.55 6.43
CA TYR E 88 -11.83 -24.33 5.38
C TYR E 88 -12.27 -25.68 5.92
N CYS E 89 -13.43 -26.13 5.46
CA CYS E 89 -13.98 -27.42 5.88
C CYS E 89 -13.63 -28.47 4.84
N GLU E 90 -12.81 -29.44 5.24
CA GLU E 90 -12.46 -30.54 4.36
C GLU E 90 -13.62 -31.53 4.33
N ILE E 91 -14.45 -31.43 3.29
CA ILE E 91 -15.61 -32.30 3.11
C ILE E 91 -15.18 -33.48 2.25
N PRO E 92 -15.16 -34.70 2.78
CA PRO E 92 -14.77 -35.84 1.93
C PRO E 92 -15.75 -36.10 0.80
N ALA E 93 -17.04 -35.96 1.05
CA ALA E 93 -18.04 -36.13 -0.01
C ALA E 93 -18.39 -34.79 -0.66
N CYS E 94 -17.35 -34.03 -1.07
CA CYS E 94 -17.52 -32.81 -1.85
C CYS E 94 -16.47 -32.84 -2.97
N GLN E 95 -16.81 -33.52 -4.06
CA GLN E 95 -15.95 -33.61 -5.23
C GLN E 95 -16.83 -33.82 -6.46
N MET E 96 -16.71 -32.93 -7.43
CA MET E 96 -17.42 -33.13 -8.69
C MET E 96 -16.83 -34.34 -9.42
N PRO E 97 -17.67 -35.17 -10.03
CA PRO E 97 -17.14 -36.31 -10.79
C PRO E 97 -16.28 -35.86 -11.96
N GLY E 98 -14.98 -36.11 -11.85
CA GLY E 98 -14.02 -35.57 -12.79
C GLY E 98 -12.92 -34.83 -12.05
N ASN E 99 -13.02 -34.83 -10.73
CA ASN E 99 -12.00 -34.23 -9.85
C ASN E 99 -11.41 -35.37 -9.01
N LEU E 100 -10.17 -35.74 -9.34
CA LEU E 100 -9.57 -36.92 -8.71
C LEU E 100 -9.03 -36.61 -7.31
N GLY E 101 -8.72 -35.35 -7.04
CA GLY E 101 -8.15 -34.94 -5.77
C GLY E 101 -6.80 -34.26 -5.96
N CYS E 102 -6.30 -33.74 -4.85
CA CYS E 102 -5.02 -33.06 -4.85
C CYS E 102 -3.89 -33.99 -4.44
N TYR E 103 -2.72 -33.79 -5.03
CA TYR E 103 -1.54 -34.61 -4.76
C TYR E 103 -0.33 -33.70 -4.63
N LYS E 104 0.77 -34.26 -4.15
CA LYS E 104 1.98 -33.49 -3.89
C LYS E 104 2.88 -33.45 -5.11
N ASP E 105 3.74 -32.43 -5.17
CA ASP E 105 4.63 -32.19 -6.29
C ASP E 105 6.01 -31.84 -5.75
N HIS E 106 6.99 -32.69 -6.04
CA HIS E 106 8.32 -32.55 -5.43
C HIS E 106 9.37 -32.03 -6.41
N GLY E 107 9.59 -32.69 -7.54
CA GLY E 107 10.73 -32.36 -8.36
C GLY E 107 10.77 -32.87 -9.78
N ASN E 108 11.96 -33.34 -10.21
CA ASN E 108 12.25 -33.62 -11.61
C ASN E 108 11.39 -34.73 -12.20
N PRO E 109 11.05 -35.78 -11.47
CA PRO E 109 9.95 -36.65 -11.91
C PRO E 109 8.62 -36.08 -11.46
N PRO E 110 7.80 -35.57 -12.39
CA PRO E 110 6.51 -35.00 -12.01
C PRO E 110 5.46 -36.09 -11.89
N PRO E 111 4.33 -35.79 -11.24
CA PRO E 111 3.25 -36.80 -11.19
C PRO E 111 2.65 -37.09 -12.54
N LEU E 112 2.66 -36.12 -13.46
CA LEU E 112 2.08 -36.29 -14.79
C LEU E 112 3.17 -36.06 -15.82
N THR E 113 3.58 -37.13 -16.50
CA THR E 113 4.64 -37.07 -17.51
C THR E 113 4.02 -36.64 -18.82
N GLY E 114 4.15 -35.35 -19.15
CA GLY E 114 3.61 -34.82 -20.39
C GLY E 114 4.06 -33.41 -20.67
N THR E 115 3.22 -32.64 -21.36
CA THR E 115 3.54 -31.26 -21.70
C THR E 115 3.05 -30.32 -20.61
N SER E 116 3.71 -29.17 -20.51
CA SER E 116 3.39 -28.16 -19.51
C SER E 116 3.11 -26.82 -20.21
N LYS E 117 2.40 -25.95 -19.50
CA LYS E 117 2.05 -24.64 -20.03
C LYS E 117 1.84 -23.67 -18.87
N THR E 118 2.37 -22.46 -19.02
CA THR E 118 2.23 -21.40 -18.03
C THR E 118 1.46 -20.24 -18.65
N SER E 119 0.61 -19.59 -17.85
CA SER E 119 -0.22 -18.51 -18.35
C SER E 119 -0.53 -17.54 -17.23
N ASN E 120 -0.81 -16.29 -17.61
CA ASN E 120 -1.24 -15.28 -16.67
C ASN E 120 -2.73 -15.33 -16.39
N LYS E 121 -3.51 -15.97 -17.26
CA LYS E 121 -4.90 -16.31 -17.01
C LYS E 121 -5.03 -17.82 -17.15
N LEU E 122 -5.40 -18.48 -16.05
CA LEU E 122 -5.42 -19.94 -16.03
C LEU E 122 -6.60 -20.37 -15.16
N THR E 123 -7.69 -20.77 -15.82
CA THR E 123 -8.82 -21.34 -15.12
C THR E 123 -8.74 -22.87 -15.23
N ILE E 124 -9.79 -23.55 -14.80
CA ILE E 124 -9.77 -25.03 -14.86
C ILE E 124 -10.01 -25.46 -16.31
N GLN E 125 -10.95 -24.85 -17.02
CA GLN E 125 -11.32 -25.32 -18.34
C GLN E 125 -10.28 -25.02 -19.41
N THR E 126 -9.51 -23.94 -19.26
CA THR E 126 -8.44 -23.68 -20.23
C THR E 126 -7.37 -24.76 -20.15
N CYS E 127 -7.00 -25.17 -18.93
CA CYS E 127 -6.04 -26.25 -18.80
C CYS E 127 -6.62 -27.59 -19.24
N ILE E 128 -7.91 -27.82 -18.96
CA ILE E 128 -8.52 -29.07 -19.41
C ILE E 128 -8.56 -29.13 -20.94
N SER E 129 -8.83 -28.00 -21.59
CA SER E 129 -8.83 -27.98 -23.05
C SER E 129 -7.42 -28.08 -23.62
N PHE E 130 -6.43 -27.51 -22.92
CA PHE E 130 -5.05 -27.65 -23.36
C PHE E 130 -4.60 -29.11 -23.29
N CYS E 131 -4.98 -29.82 -22.24
CA CYS E 131 -4.65 -31.24 -22.15
C CYS E 131 -5.51 -32.11 -23.05
N ARG E 132 -6.72 -31.67 -23.39
CA ARG E 132 -7.60 -32.47 -24.23
C ARG E 132 -7.29 -32.33 -25.72
N SER E 133 -6.84 -31.14 -26.14
CA SER E 133 -6.50 -30.93 -27.55
C SER E 133 -5.23 -31.66 -27.96
N GLN E 134 -4.51 -32.27 -27.02
CA GLN E 134 -3.33 -33.07 -27.31
C GLN E 134 -3.54 -34.55 -27.01
N ARG E 135 -4.78 -34.97 -26.79
CA ARG E 135 -5.13 -36.36 -26.53
C ARG E 135 -4.40 -36.91 -25.31
N PHE E 136 -4.61 -36.24 -24.18
CA PHE E 136 -4.14 -36.70 -22.89
C PHE E 136 -5.33 -37.08 -22.02
N LYS E 137 -5.05 -37.88 -20.99
CA LYS E 137 -6.11 -38.44 -20.16
C LYS E 137 -6.37 -37.60 -18.91
N PHE E 138 -5.32 -37.13 -18.24
CA PHE E 138 -5.45 -36.39 -16.99
C PHE E 138 -4.86 -34.99 -17.14
N ALA E 139 -5.56 -34.00 -16.60
CA ALA E 139 -5.07 -32.64 -16.53
C ALA E 139 -4.44 -32.40 -15.16
N GLY E 140 -4.08 -31.15 -14.89
CA GLY E 140 -3.47 -30.82 -13.62
C GLY E 140 -2.88 -29.42 -13.57
N MET E 141 -2.95 -28.78 -12.41
CA MET E 141 -2.45 -27.42 -12.26
C MET E 141 -2.07 -27.18 -10.82
N GLU E 142 -1.20 -26.20 -10.60
CA GLU E 142 -0.71 -25.89 -9.27
C GLU E 142 -0.25 -24.44 -9.22
N SER E 143 -0.23 -23.89 -8.01
CA SER E 143 0.26 -22.55 -7.70
C SER E 143 -0.39 -21.46 -8.55
N GLY E 144 -1.55 -21.73 -9.13
CA GLY E 144 -2.28 -20.75 -9.91
C GLY E 144 -1.94 -20.67 -11.38
N TYR E 145 -0.67 -20.88 -11.73
CA TYR E 145 -0.20 -20.80 -13.11
C TYR E 145 0.55 -22.10 -13.44
N ALA E 146 -0.18 -23.05 -14.02
CA ALA E 146 0.39 -24.34 -14.39
C ALA E 146 -0.65 -25.11 -15.18
N CYS E 147 -0.17 -26.00 -16.05
CA CYS E 147 -1.05 -26.93 -16.75
C CYS E 147 -0.23 -28.16 -17.10
N PHE E 148 -0.34 -29.20 -16.28
CA PHE E 148 0.43 -30.42 -16.44
C PHE E 148 -0.45 -31.51 -17.03
N CYS E 149 -0.13 -31.93 -18.25
CA CYS E 149 -0.83 -33.02 -18.91
C CYS E 149 -0.10 -34.34 -18.67
N GLY E 150 -0.77 -35.43 -18.97
CA GLY E 150 -0.15 -36.74 -18.79
C GLY E 150 -1.13 -37.85 -19.10
N ASN E 151 -0.57 -39.05 -19.26
CA ASN E 151 -1.35 -40.26 -19.50
C ASN E 151 -0.96 -41.39 -18.57
N ASN E 152 -0.07 -41.16 -17.60
CA ASN E 152 0.44 -42.22 -16.74
C ASN E 152 -0.61 -42.63 -15.71
N PRO E 153 -0.70 -43.91 -15.38
CA PRO E 153 -1.69 -44.37 -14.40
C PRO E 153 -1.30 -44.13 -12.95
N ASP E 154 -0.09 -43.67 -12.68
CA ASP E 154 0.39 -43.44 -11.32
C ASP E 154 0.76 -41.96 -11.16
N TYR E 155 -0.18 -41.18 -10.62
CA TYR E 155 0.04 -39.78 -10.30
C TYR E 155 0.06 -39.52 -8.81
N TRP E 156 0.00 -40.57 -7.99
CA TRP E 156 0.05 -40.47 -6.53
C TRP E 156 1.42 -40.85 -5.99
N LYS E 157 2.47 -40.73 -6.81
CA LYS E 157 3.79 -41.19 -6.41
C LYS E 157 4.39 -40.38 -5.27
N TYR E 158 3.83 -39.21 -4.96
CA TYR E 158 4.32 -38.37 -3.89
C TYR E 158 3.37 -38.30 -2.71
N GLY E 159 2.19 -38.90 -2.81
CA GLY E 159 1.23 -38.92 -1.73
C GLY E 159 0.03 -38.03 -2.02
N GLU E 160 -1.05 -38.31 -1.30
CA GLU E 160 -2.28 -37.54 -1.40
C GLU E 160 -2.34 -36.52 -0.27
N ALA E 161 -2.60 -35.27 -0.61
CA ALA E 161 -2.68 -34.19 0.36
C ALA E 161 -4.13 -33.81 0.64
N ALA E 162 -4.32 -33.02 1.69
CA ALA E 162 -5.65 -32.60 2.10
C ALA E 162 -6.22 -31.59 1.09
N SER E 163 -7.55 -31.56 1.01
CA SER E 163 -8.20 -30.63 0.09
C SER E 163 -8.16 -29.19 0.61
N THR E 164 -8.03 -28.99 1.91
CA THR E 164 -7.91 -27.63 2.43
C THR E 164 -6.55 -27.02 2.11
N GLU E 165 -5.53 -27.87 1.92
CA GLU E 165 -4.21 -27.37 1.57
C GLU E 165 -4.13 -26.86 0.15
N CYS E 166 -4.90 -27.44 -0.77
CA CYS E 166 -4.86 -27.06 -2.17
C CYS E 166 -6.01 -26.13 -2.53
N ASN E 167 -6.03 -24.94 -1.95
CA ASN E 167 -7.10 -23.97 -2.21
C ASN E 167 -6.51 -22.62 -2.61
N SER E 168 -5.43 -22.63 -3.37
CA SER E 168 -4.93 -21.39 -3.95
C SER E 168 -5.80 -20.99 -5.14
N VAL E 169 -6.01 -19.69 -5.28
CA VAL E 169 -6.97 -19.20 -6.26
C VAL E 169 -6.32 -19.21 -7.66
N CYS E 170 -7.17 -19.30 -8.68
CA CYS E 170 -6.72 -19.26 -10.05
C CYS E 170 -6.44 -17.82 -10.47
N PHE E 171 -6.00 -17.64 -11.71
CA PHE E 171 -5.68 -16.31 -12.23
C PHE E 171 -6.73 -15.76 -13.17
N GLY E 172 -7.25 -16.57 -14.10
CA GLY E 172 -8.31 -16.09 -14.97
C GLY E 172 -9.65 -16.00 -14.27
N ASP E 173 -9.87 -16.86 -13.28
CA ASP E 173 -11.06 -16.80 -12.44
C ASP E 173 -10.63 -16.77 -10.98
N HIS E 174 -11.44 -16.11 -10.16
CA HIS E 174 -11.14 -15.97 -8.75
C HIS E 174 -12.11 -16.73 -7.87
N THR E 175 -12.78 -17.74 -8.42
CA THR E 175 -13.68 -18.60 -7.66
C THR E 175 -13.35 -20.08 -7.85
N GLN E 176 -12.19 -20.40 -8.42
CA GLN E 176 -11.79 -21.77 -8.67
C GLN E 176 -10.45 -22.05 -8.01
N PRO E 177 -10.28 -23.22 -7.38
CA PRO E 177 -9.00 -23.57 -6.76
C PRO E 177 -8.03 -24.16 -7.78
N CYS E 178 -6.94 -23.45 -8.04
CA CYS E 178 -5.88 -23.95 -8.92
C CYS E 178 -4.76 -24.61 -8.13
N GLY E 179 -5.12 -25.58 -7.27
CA GLY E 179 -4.11 -26.32 -6.54
C GLY E 179 -3.46 -25.47 -5.46
N GLY E 180 -2.13 -25.53 -5.41
CA GLY E 180 -1.39 -24.74 -4.45
C GLY E 180 0.09 -24.77 -4.78
N ASP E 181 0.87 -24.13 -3.91
CA ASP E 181 2.32 -24.09 -4.09
C ASP E 181 2.90 -25.47 -3.81
N GLY E 182 3.38 -26.14 -4.84
CA GLY E 182 3.89 -27.49 -4.71
C GLY E 182 2.85 -28.56 -4.55
N ARG E 183 1.58 -28.25 -4.79
CA ARG E 183 0.49 -29.21 -4.68
C ARG E 183 -0.37 -29.13 -5.92
N ILE E 184 -0.44 -30.22 -6.68
CA ILE E 184 -1.17 -30.27 -7.94
C ILE E 184 -2.54 -30.86 -7.71
N ILE E 185 -3.55 -30.26 -8.35
CA ILE E 185 -4.93 -30.75 -8.30
C ILE E 185 -5.22 -31.46 -9.62
N LEU E 186 -5.86 -32.61 -9.52
CA LEU E 186 -6.07 -33.49 -10.67
C LEU E 186 -7.48 -33.34 -11.22
N PHE E 187 -7.58 -33.51 -12.54
CA PHE E 187 -8.86 -33.47 -13.23
C PHE E 187 -8.84 -34.42 -14.41
N ASP E 188 -10.02 -34.89 -14.79
CA ASP E 188 -10.15 -35.67 -16.02
C ASP E 188 -10.38 -34.75 -17.21
N THR E 189 -9.93 -35.19 -18.38
CA THR E 189 -10.09 -34.40 -19.60
C THR E 189 -11.47 -34.56 -20.22
N LEU E 190 -12.33 -35.40 -19.64
CA LEU E 190 -13.65 -35.64 -20.20
C LEU E 190 -14.66 -34.56 -19.86
N VAL E 191 -14.44 -33.81 -18.78
CA VAL E 191 -15.42 -32.84 -18.30
C VAL E 191 -15.37 -31.58 -19.17
N GLY E 192 -16.55 -31.01 -19.44
CA GLY E 192 -16.65 -29.78 -20.18
C GLY E 192 -16.40 -29.86 -21.67
N ALA E 193 -16.37 -31.07 -22.23
CA ALA E 193 -16.12 -31.24 -23.65
C ALA E 193 -17.43 -31.23 -24.44
N CYS E 194 -17.32 -31.36 -25.76
CA CYS E 194 -18.46 -31.55 -26.67
C CYS E 194 -18.47 -32.98 -27.17
N GLY E 195 -19.32 -33.80 -26.56
CA GLY E 195 -19.54 -35.13 -27.06
C GLY E 195 -18.53 -36.15 -26.59
N GLY E 196 -18.95 -37.40 -26.53
CA GLY E 196 -18.08 -38.48 -26.14
C GLY E 196 -18.81 -39.80 -26.20
N ASN E 197 -18.18 -40.82 -26.77
CA ASN E 197 -18.80 -42.14 -26.85
C ASN E 197 -18.83 -42.73 -25.45
N TYR E 198 -19.91 -42.46 -24.72
CA TYR E 198 -20.03 -42.87 -23.33
C TYR E 198 -20.64 -44.26 -23.28
N SER E 199 -19.90 -45.21 -22.72
CA SER E 199 -20.35 -46.59 -22.61
C SER E 199 -20.13 -47.14 -21.21
N ALA E 200 -19.96 -46.26 -20.23
CA ALA E 200 -19.80 -46.68 -18.84
C ALA E 200 -21.16 -46.98 -18.24
N MET E 201 -21.15 -47.45 -16.99
CA MET E 201 -22.40 -47.84 -16.34
C MET E 201 -23.20 -46.61 -15.92
N SER E 202 -22.58 -45.71 -15.17
CA SER E 202 -23.27 -44.51 -14.70
C SER E 202 -22.24 -43.40 -14.56
N SER E 203 -22.25 -42.46 -15.49
CA SER E 203 -21.29 -41.35 -15.54
C SER E 203 -22.05 -40.03 -15.40
N VAL E 204 -21.31 -38.92 -15.51
CA VAL E 204 -21.87 -37.59 -15.47
C VAL E 204 -21.53 -36.87 -16.76
N VAL E 205 -22.43 -35.98 -17.19
CA VAL E 205 -22.27 -35.22 -18.43
C VAL E 205 -22.39 -33.75 -18.08
N TYR E 206 -21.32 -32.99 -18.29
CA TYR E 206 -21.33 -31.55 -18.06
C TYR E 206 -21.54 -30.81 -19.38
N SER E 207 -21.82 -29.51 -19.25
CA SER E 207 -21.96 -28.66 -20.41
C SER E 207 -20.57 -28.27 -20.93
N PRO E 208 -20.48 -27.84 -22.19
CA PRO E 208 -19.18 -27.40 -22.71
C PRO E 208 -18.66 -26.20 -21.93
N ASP E 209 -17.37 -26.24 -21.59
CA ASP E 209 -16.74 -25.23 -20.76
C ASP E 209 -17.48 -25.08 -19.43
N PHE E 210 -17.46 -26.16 -18.64
CA PHE E 210 -18.27 -26.18 -17.42
C PHE E 210 -17.72 -25.29 -16.32
N PRO E 211 -16.43 -25.34 -15.95
CA PRO E 211 -15.97 -24.42 -14.89
C PRO E 211 -16.07 -22.96 -15.29
N ASP E 212 -15.95 -22.65 -16.57
CA ASP E 212 -16.19 -21.30 -17.07
C ASP E 212 -17.66 -21.19 -17.48
N THR E 213 -18.02 -20.09 -18.13
CA THR E 213 -19.31 -20.03 -18.79
C THR E 213 -19.19 -20.63 -20.19
N TYR E 214 -20.29 -21.17 -20.68
CA TYR E 214 -20.26 -21.82 -21.98
C TYR E 214 -20.16 -20.79 -23.09
N ALA E 215 -19.47 -21.15 -24.16
CA ALA E 215 -19.18 -20.21 -25.23
C ALA E 215 -20.43 -19.98 -26.08
N THR E 216 -20.29 -19.10 -27.08
CA THR E 216 -21.38 -18.76 -27.97
C THR E 216 -21.27 -19.58 -29.24
N GLY E 217 -22.33 -20.31 -29.58
CA GLY E 217 -22.34 -21.16 -30.75
C GLY E 217 -21.83 -22.56 -30.46
N ARG E 218 -22.07 -23.04 -29.24
CA ARG E 218 -21.68 -24.38 -28.86
C ARG E 218 -22.80 -25.36 -29.18
N VAL E 219 -22.48 -26.37 -29.99
CA VAL E 219 -23.44 -27.43 -30.31
C VAL E 219 -22.66 -28.72 -30.52
N CYS E 220 -23.07 -29.77 -29.82
CA CYS E 220 -22.33 -31.02 -29.81
C CYS E 220 -23.31 -32.16 -29.61
N TYR E 221 -22.79 -33.39 -29.63
CA TYR E 221 -23.60 -34.60 -29.58
C TYR E 221 -23.02 -35.56 -28.55
N TRP E 222 -23.74 -35.75 -27.45
CA TRP E 222 -23.40 -36.78 -26.47
C TRP E 222 -24.19 -38.05 -26.78
N THR E 223 -23.49 -39.12 -27.13
CA THR E 223 -24.10 -40.41 -27.43
C THR E 223 -23.96 -41.35 -26.25
N ILE E 224 -25.06 -41.97 -25.85
CA ILE E 224 -25.09 -42.89 -24.71
C ILE E 224 -25.45 -44.27 -25.24
N ARG E 225 -24.48 -45.20 -25.19
CA ARG E 225 -24.69 -46.57 -25.62
C ARG E 225 -24.25 -47.51 -24.51
N VAL E 226 -25.09 -48.49 -24.22
CA VAL E 226 -24.82 -49.46 -23.16
C VAL E 226 -24.98 -50.86 -23.73
N PRO E 227 -24.10 -51.81 -23.38
CA PRO E 227 -24.18 -53.16 -23.98
C PRO E 227 -25.33 -53.99 -23.41
N GLY E 228 -26.55 -53.60 -23.75
CA GLY E 228 -27.71 -54.43 -23.48
C GLY E 228 -28.41 -54.21 -22.17
N ALA E 229 -28.48 -52.97 -21.69
CA ALA E 229 -29.24 -52.71 -20.48
C ALA E 229 -30.73 -52.66 -20.77
N SER E 230 -31.53 -52.83 -19.71
CA SER E 230 -32.98 -52.81 -19.86
C SER E 230 -33.49 -51.41 -20.14
N HIS E 231 -33.27 -50.48 -19.21
CA HIS E 231 -33.67 -49.10 -19.38
C HIS E 231 -32.66 -48.20 -18.67
N ILE E 232 -32.74 -46.91 -18.96
CA ILE E 232 -31.83 -45.94 -18.39
C ILE E 232 -32.59 -45.00 -17.46
N HIS E 233 -31.90 -44.52 -16.43
CA HIS E 233 -32.45 -43.60 -15.45
C HIS E 233 -31.66 -42.30 -15.49
N PHE E 234 -32.36 -41.18 -15.54
CA PHE E 234 -31.74 -39.87 -15.66
C PHE E 234 -31.99 -39.04 -14.41
N SER E 235 -31.19 -37.99 -14.28
CA SER E 235 -31.32 -37.03 -13.17
C SER E 235 -30.67 -35.72 -13.60
N PHE E 236 -31.08 -34.65 -12.95
CA PHE E 236 -30.62 -33.29 -13.27
C PHE E 236 -30.28 -32.57 -11.98
N PRO E 237 -29.07 -32.79 -11.45
CA PRO E 237 -28.69 -32.12 -10.20
C PRO E 237 -28.56 -30.62 -10.35
N LEU E 238 -27.89 -30.15 -11.39
CA LEU E 238 -27.63 -28.75 -11.61
C LEU E 238 -28.21 -28.32 -12.95
N PHE E 239 -28.90 -27.17 -12.95
CA PHE E 239 -29.52 -26.64 -14.16
C PHE E 239 -29.74 -25.15 -13.95
N ASP E 240 -29.03 -24.31 -14.70
CA ASP E 240 -29.16 -22.87 -14.55
C ASP E 240 -28.91 -22.22 -15.92
N ILE E 241 -29.99 -21.99 -16.66
CA ILE E 241 -29.95 -21.22 -17.90
C ILE E 241 -31.05 -20.17 -17.84
N ARG E 242 -30.68 -18.91 -18.04
CA ARG E 242 -31.60 -17.78 -17.94
C ARG E 242 -31.86 -17.12 -19.28
N ASP E 243 -32.02 -17.92 -20.34
CA ASP E 243 -32.31 -17.36 -21.65
C ASP E 243 -33.31 -18.28 -22.36
N SER E 244 -34.07 -17.70 -23.28
CA SER E 244 -35.11 -18.42 -24.00
C SER E 244 -34.64 -18.95 -25.35
N ALA E 245 -33.38 -18.73 -25.72
CA ALA E 245 -32.87 -19.21 -26.99
C ALA E 245 -32.18 -20.56 -26.86
N ASP E 246 -31.23 -20.67 -25.94
CA ASP E 246 -30.51 -21.92 -25.73
C ASP E 246 -31.42 -22.94 -25.06
N MET E 247 -31.16 -24.22 -25.36
CA MET E 247 -32.09 -25.28 -24.99
C MET E 247 -31.38 -26.62 -24.99
N VAL E 248 -31.88 -27.54 -24.17
CA VAL E 248 -31.41 -28.92 -24.14
C VAL E 248 -32.50 -29.82 -24.70
N GLU E 249 -32.09 -30.88 -25.40
CA GLU E 249 -33.03 -31.82 -25.99
C GLU E 249 -32.63 -33.25 -25.67
N LEU E 250 -33.61 -34.15 -25.79
CA LEU E 250 -33.42 -35.58 -25.62
C LEU E 250 -33.92 -36.26 -26.89
N LEU E 251 -33.04 -37.01 -27.55
CA LEU E 251 -33.32 -37.54 -28.88
C LEU E 251 -33.22 -39.06 -28.89
N ASP E 252 -33.87 -39.65 -29.89
CA ASP E 252 -33.79 -41.07 -30.19
C ASP E 252 -33.08 -41.25 -31.52
N GLY E 253 -32.11 -42.15 -31.57
CA GLY E 253 -31.33 -42.34 -32.76
C GLY E 253 -31.73 -43.48 -33.67
N TYR E 254 -32.82 -44.18 -33.38
CA TYR E 254 -33.24 -45.28 -34.25
C TYR E 254 -34.02 -44.77 -35.45
N THR E 255 -35.08 -43.99 -35.22
CA THR E 255 -35.84 -43.37 -36.29
C THR E 255 -35.84 -41.85 -36.18
N HIS E 256 -34.95 -41.30 -35.34
CA HIS E 256 -34.75 -39.86 -35.18
C HIS E 256 -36.06 -39.16 -34.77
N ARG E 257 -36.51 -39.51 -33.57
CA ARG E 257 -37.64 -38.85 -32.93
C ARG E 257 -37.16 -38.22 -31.62
N VAL E 258 -37.81 -37.13 -31.25
CA VAL E 258 -37.40 -36.33 -30.09
C VAL E 258 -38.23 -36.74 -28.89
N LEU E 259 -37.56 -37.03 -27.78
CA LEU E 259 -38.25 -37.48 -26.57
C LEU E 259 -38.73 -36.30 -25.73
N ALA E 260 -37.85 -35.35 -25.43
CA ALA E 260 -38.19 -34.23 -24.57
C ALA E 260 -37.43 -33.00 -25.01
N ARG E 261 -38.01 -31.84 -24.74
CA ARG E 261 -37.43 -30.55 -25.12
C ARG E 261 -37.42 -29.64 -23.90
N PHE E 262 -36.24 -29.44 -23.32
CA PHE E 262 -36.06 -28.59 -22.17
C PHE E 262 -35.59 -27.20 -22.60
N HIS E 263 -36.03 -26.19 -21.85
CA HIS E 263 -35.69 -24.81 -22.15
C HIS E 263 -35.34 -24.09 -20.84
N GLY E 264 -34.93 -22.84 -20.97
CA GLY E 264 -34.61 -22.05 -19.79
C GLY E 264 -35.83 -21.68 -18.96
N ARG E 265 -36.98 -21.51 -19.62
CA ARG E 265 -38.22 -21.19 -18.94
C ARG E 265 -38.96 -22.42 -18.46
N SER E 266 -38.41 -23.61 -18.65
CA SER E 266 -39.04 -24.85 -18.24
C SER E 266 -38.25 -25.48 -17.10
N ARG E 267 -38.95 -25.81 -16.01
CA ARG E 267 -38.32 -26.49 -14.90
C ARG E 267 -38.34 -27.99 -15.15
N PRO E 268 -37.19 -28.64 -15.34
CA PRO E 268 -37.17 -30.06 -15.67
C PRO E 268 -37.45 -30.91 -14.44
N PRO E 269 -38.04 -32.08 -14.61
CA PRO E 269 -38.21 -32.98 -13.47
C PRO E 269 -36.87 -33.48 -12.96
N LEU E 270 -36.88 -33.89 -11.68
CA LEU E 270 -35.64 -34.37 -11.07
C LEU E 270 -35.25 -35.73 -11.59
N SER E 271 -36.22 -36.53 -12.04
CA SER E 271 -35.92 -37.85 -12.57
C SER E 271 -37.09 -38.34 -13.43
N PHE E 272 -36.75 -39.09 -14.48
CA PHE E 272 -37.73 -39.80 -15.28
C PHE E 272 -37.02 -40.99 -15.91
N ASN E 273 -37.80 -41.83 -16.60
CA ASN E 273 -37.28 -43.09 -17.14
C ASN E 273 -37.52 -43.17 -18.64
N VAL E 274 -36.60 -43.87 -19.32
CA VAL E 274 -36.74 -44.16 -20.74
C VAL E 274 -36.30 -45.61 -20.94
N SER E 275 -37.07 -46.35 -21.72
CA SER E 275 -36.78 -47.76 -22.00
C SER E 275 -35.97 -47.91 -23.28
N LEU E 276 -34.87 -47.16 -23.37
CA LEU E 276 -34.02 -47.16 -24.54
C LEU E 276 -32.55 -47.20 -24.10
N ASP E 277 -31.68 -47.50 -25.06
CA ASP E 277 -30.26 -47.60 -24.78
C ASP E 277 -29.39 -46.92 -25.83
N PHE E 278 -29.96 -46.06 -26.66
CA PHE E 278 -29.22 -45.31 -27.67
C PHE E 278 -29.57 -43.82 -27.56
N VAL E 279 -29.48 -43.31 -26.34
CA VAL E 279 -29.93 -41.94 -26.06
C VAL E 279 -28.95 -40.94 -26.67
N ILE E 280 -29.49 -39.88 -27.25
CA ILE E 280 -28.71 -38.80 -27.84
C ILE E 280 -29.05 -37.51 -27.11
N LEU E 281 -28.03 -36.70 -26.84
CA LEU E 281 -28.20 -35.42 -26.18
C LEU E 281 -27.89 -34.29 -27.14
N TYR E 282 -28.79 -33.32 -27.20
CA TYR E 282 -28.62 -32.15 -28.06
C TYR E 282 -28.56 -30.89 -27.19
N PHE E 283 -27.75 -29.93 -27.63
CA PHE E 283 -27.56 -28.70 -26.87
C PHE E 283 -27.19 -27.59 -27.86
N PHE E 284 -28.16 -26.74 -28.18
CA PHE E 284 -27.95 -25.60 -29.07
C PHE E 284 -27.77 -24.35 -28.23
N SER E 285 -26.59 -23.74 -28.33
CA SER E 285 -26.30 -22.52 -27.60
C SER E 285 -26.77 -21.30 -28.38
N ASP E 286 -26.66 -20.14 -27.76
CA ASP E 286 -27.02 -18.86 -28.36
C ASP E 286 -25.80 -17.94 -28.37
N ARG E 287 -26.03 -16.69 -28.77
CA ARG E 287 -24.97 -15.70 -28.87
C ARG E 287 -25.24 -14.46 -28.03
N ILE E 288 -26.27 -14.47 -27.19
CA ILE E 288 -26.69 -13.26 -26.50
C ILE E 288 -26.40 -13.32 -25.01
N ASN E 289 -26.84 -14.38 -24.33
CA ASN E 289 -26.64 -14.52 -22.89
C ASN E 289 -26.18 -15.93 -22.56
N GLN E 290 -25.12 -16.03 -21.74
CA GLN E 290 -24.60 -17.31 -21.27
C GLN E 290 -24.30 -17.17 -19.78
N ALA E 291 -24.93 -18.01 -18.96
CA ALA E 291 -24.77 -17.92 -17.51
C ALA E 291 -24.13 -19.17 -16.92
N GLN E 292 -24.65 -20.36 -17.21
CA GLN E 292 -24.19 -21.58 -16.57
C GLN E 292 -24.72 -22.78 -17.34
N GLY E 293 -24.03 -23.91 -17.21
CA GLY E 293 -24.36 -25.13 -17.91
C GLY E 293 -25.16 -26.11 -17.06
N PHE E 294 -25.02 -27.39 -17.39
CA PHE E 294 -25.77 -28.46 -16.73
C PHE E 294 -24.82 -29.54 -16.25
N ALA E 295 -25.33 -30.39 -15.36
CA ALA E 295 -24.54 -31.44 -14.71
C ALA E 295 -25.31 -32.76 -14.73
N VAL E 296 -25.83 -33.12 -15.90
CA VAL E 296 -26.72 -34.28 -16.03
C VAL E 296 -26.03 -35.54 -15.55
N LEU E 297 -26.62 -36.19 -14.55
CA LEU E 297 -26.16 -37.48 -14.03
C LEU E 297 -27.15 -38.55 -14.45
N TYR E 298 -26.64 -39.66 -14.99
CA TYR E 298 -27.48 -40.73 -15.50
C TYR E 298 -27.08 -42.06 -14.87
N GLN E 299 -27.93 -43.07 -15.07
CA GLN E 299 -27.67 -44.41 -14.57
C GLN E 299 -28.45 -45.40 -15.43
N ALA E 300 -27.79 -46.47 -15.85
CA ALA E 300 -28.41 -47.50 -16.69
C ALA E 300 -28.78 -48.70 -15.83
N VAL E 301 -30.01 -49.18 -16.02
CA VAL E 301 -30.50 -50.36 -15.31
C VAL E 301 -30.32 -51.56 -16.22
N LYS E 302 -29.59 -52.57 -15.74
CA LYS E 302 -29.35 -53.78 -16.51
C LYS E 302 -30.52 -54.75 -16.40
#